data_1G3A
# 
_entry.id   1G3A 
# 
_audit_conform.dict_name       mmcif_pdbx.dic 
_audit_conform.dict_version    5.392 
_audit_conform.dict_location   http://mmcif.pdb.org/dictionaries/ascii/mmcif_pdbx.dic 
# 
loop_
_database_2.database_id 
_database_2.database_code 
_database_2.pdbx_database_accession 
_database_2.pdbx_DOI 
PDB   1G3A         pdb_00001g3a 10.2210/pdb1g3a/pdb 
RCSB  RCSB012179   ?            ?                   
WWPDB D_1000012179 ?            ?                   
# 
loop_
_pdbx_audit_revision_history.ordinal 
_pdbx_audit_revision_history.data_content_type 
_pdbx_audit_revision_history.major_revision 
_pdbx_audit_revision_history.minor_revision 
_pdbx_audit_revision_history.revision_date 
1 'Structure model' 1 0 2001-08-01 
2 'Structure model' 1 1 2008-04-27 
3 'Structure model' 1 2 2011-07-13 
4 'Structure model' 1 3 2022-02-23 
5 'Structure model' 1 4 2024-05-22 
# 
_pdbx_audit_revision_details.ordinal             1 
_pdbx_audit_revision_details.revision_ordinal    1 
_pdbx_audit_revision_details.data_content_type   'Structure model' 
_pdbx_audit_revision_details.provider            repository 
_pdbx_audit_revision_details.type                'Initial release' 
_pdbx_audit_revision_details.description         ? 
_pdbx_audit_revision_details.details             ? 
# 
loop_
_pdbx_audit_revision_group.ordinal 
_pdbx_audit_revision_group.revision_ordinal 
_pdbx_audit_revision_group.data_content_type 
_pdbx_audit_revision_group.group 
1 2 'Structure model' 'Version format compliance' 
2 3 'Structure model' 'Version format compliance' 
3 4 'Structure model' 'Data collection'           
4 4 'Structure model' 'Database references'       
5 4 'Structure model' 'Derived calculations'      
6 5 'Structure model' 'Data collection'           
# 
loop_
_pdbx_audit_revision_category.ordinal 
_pdbx_audit_revision_category.revision_ordinal 
_pdbx_audit_revision_category.data_content_type 
_pdbx_audit_revision_category.category 
1 4 'Structure model' database_2            
2 4 'Structure model' pdbx_nmr_software     
3 4 'Structure model' pdbx_struct_assembly  
4 4 'Structure model' pdbx_struct_oper_list 
5 4 'Structure model' struct_conn           
6 5 'Structure model' chem_comp_atom        
7 5 'Structure model' chem_comp_bond        
# 
loop_
_pdbx_audit_revision_item.ordinal 
_pdbx_audit_revision_item.revision_ordinal 
_pdbx_audit_revision_item.data_content_type 
_pdbx_audit_revision_item.item 
1 4 'Structure model' '_database_2.pdbx_DOI'                
2 4 'Structure model' '_database_2.pdbx_database_accession' 
3 4 'Structure model' '_pdbx_nmr_software.name'             
4 4 'Structure model' '_struct_conn.pdbx_leaving_atom_flag' 
# 
_pdbx_database_status.status_code                     REL 
_pdbx_database_status.entry_id                        1G3A 
_pdbx_database_status.recvd_initial_deposition_date   2000-10-23 
_pdbx_database_status.deposit_site                    RCSB 
_pdbx_database_status.process_site                    RCSB 
_pdbx_database_status.status_code_mr                  REL 
_pdbx_database_status.SG_entry                        . 
_pdbx_database_status.pdb_format_compatible           Y 
_pdbx_database_status.status_code_sf                  ? 
_pdbx_database_status.status_code_cs                  ? 
_pdbx_database_status.status_code_nmr_data            ? 
_pdbx_database_status.methods_development_category    ? 
# 
loop_
_audit_author.name 
_audit_author.pdbx_ordinal 
'Chen, X.'     1 
'Kierzek, R.'  2 
'Turner, D.H.' 3 
# 
_citation.id                        primary 
_citation.title                     'Stability and structure of RNA duplexes containing isoguanosine and isocytidine.' 
_citation.journal_abbrev            J.Am.Chem.Soc. 
_citation.journal_volume            123 
_citation.page_first                1267 
_citation.page_last                 1274 
_citation.year                      2001 
_citation.journal_id_ASTM           JACSAT 
_citation.country                   US 
_citation.journal_id_ISSN           0002-7863 
_citation.journal_id_CSD            0004 
_citation.book_publisher            ? 
_citation.pdbx_database_id_PubMed   11456697 
_citation.pdbx_database_id_DOI      10.1021/ja002623i 
# 
loop_
_citation_author.citation_id 
_citation_author.name 
_citation_author.ordinal 
_citation_author.identifier_ORCID 
primary 'Chen, X.'     1 ? 
primary 'Kierzek, R.'  2 ? 
primary 'Turner, D.H.' 3 ? 
# 
_entity.id                         1 
_entity.type                       polymer 
_entity.src_method                 syn 
_entity.pdbx_description           "5'-R(*CP*(IG)P*CP*GP*(IC)P*G)-3'" 
_entity.formula_weight             1906.205 
_entity.pdbx_number_of_molecules   2 
_entity.pdbx_ec                    ? 
_entity.pdbx_mutation              ? 
_entity.pdbx_fragment              ? 
_entity.details                    ? 
# 
_entity_poly.entity_id                      1 
_entity_poly.type                           polyribonucleotide 
_entity_poly.nstd_linkage                   no 
_entity_poly.nstd_monomer                   yes 
_entity_poly.pdbx_seq_one_letter_code       'C(IG)CG(IC)G' 
_entity_poly.pdbx_seq_one_letter_code_can   CGCGCG 
_entity_poly.pdbx_strand_id                 A,B 
_entity_poly.pdbx_target_identifier         ? 
# 
loop_
_entity_poly_seq.entity_id 
_entity_poly_seq.num 
_entity_poly_seq.mon_id 
_entity_poly_seq.hetero 
1 1 C  n 
1 2 IG n 
1 3 C  n 
1 4 G  n 
1 5 IC n 
1 6 G  n 
# 
_pdbx_entity_src_syn.entity_id              1 
_pdbx_entity_src_syn.pdbx_src_id            1 
_pdbx_entity_src_syn.pdbx_alt_source_flag   sample 
_pdbx_entity_src_syn.pdbx_beg_seq_num       ? 
_pdbx_entity_src_syn.pdbx_end_seq_num       ? 
_pdbx_entity_src_syn.organism_scientific    ? 
_pdbx_entity_src_syn.organism_common_name   ? 
_pdbx_entity_src_syn.ncbi_taxonomy_id       ? 
_pdbx_entity_src_syn.details                'Solid phase phosphoramidite chemistry' 
# 
loop_
_chem_comp.id 
_chem_comp.type 
_chem_comp.mon_nstd_flag 
_chem_comp.name 
_chem_comp.pdbx_synonyms 
_chem_comp.formula 
_chem_comp.formula_weight 
C  'RNA linking' y "CYTIDINE-5'-MONOPHOSPHATE"     ? 'C9 H14 N3 O8 P'  323.197 
G  'RNA linking' y "GUANOSINE-5'-MONOPHOSPHATE"    ? 'C10 H14 N5 O8 P' 363.221 
IC 'RNA linking' n "ISOCYTIDINE-5'-MONOPHOSPHATE"  ? 'C9 H14 N3 O8 P'  323.197 
IG 'RNA linking' n "ISOGUANOSINE-5'-MONOPHOSPHATE" ? 'C10 H14 N5 O8 P' 363.221 
# 
loop_
_pdbx_poly_seq_scheme.asym_id 
_pdbx_poly_seq_scheme.entity_id 
_pdbx_poly_seq_scheme.seq_id 
_pdbx_poly_seq_scheme.mon_id 
_pdbx_poly_seq_scheme.ndb_seq_num 
_pdbx_poly_seq_scheme.pdb_seq_num 
_pdbx_poly_seq_scheme.auth_seq_num 
_pdbx_poly_seq_scheme.pdb_mon_id 
_pdbx_poly_seq_scheme.auth_mon_id 
_pdbx_poly_seq_scheme.pdb_strand_id 
_pdbx_poly_seq_scheme.pdb_ins_code 
_pdbx_poly_seq_scheme.hetero 
A 1 1 C  1 1 1 C  C  A . n 
A 1 2 IG 2 2 2 IG IG A . n 
A 1 3 C  3 3 3 C  C  A . n 
A 1 4 G  4 4 4 G  G  A . n 
A 1 5 IC 5 5 5 IC IC A . n 
A 1 6 G  6 6 6 G  G  A . n 
B 1 1 C  1 1 1 C  C  B . n 
B 1 2 IG 2 2 2 IG IG B . n 
B 1 3 C  3 3 3 C  C  B . n 
B 1 4 G  4 4 4 G  G  B . n 
B 1 5 IC 5 5 5 IC IC B . n 
B 1 6 G  6 6 6 G  G  B . n 
# 
_cell.entry_id           1G3A 
_cell.length_a           ? 
_cell.length_b           ? 
_cell.length_c           ? 
_cell.angle_alpha        ? 
_cell.angle_beta         ? 
_cell.angle_gamma        ? 
_cell.Z_PDB              1 
_cell.pdbx_unique_axis   ? 
# 
_exptl.entry_id          1G3A 
_exptl.method            'SOLUTION NMR' 
_exptl.crystals_number   ? 
# 
_struct.entry_id                  1G3A 
_struct.title                     'STRUCTURE OF RNA DUPLEXES (CIGCGICG)2' 
_struct.pdbx_model_details        ? 
_struct.pdbx_CASP_flag            ? 
_struct.pdbx_model_type_details   ? 
# 
_struct_keywords.entry_id        1G3A 
_struct_keywords.pdbx_keywords   RNA 
_struct_keywords.text            'Double Helix, RNA' 
# 
loop_
_struct_asym.id 
_struct_asym.pdbx_blank_PDB_chainid_flag 
_struct_asym.pdbx_modified 
_struct_asym.entity_id 
_struct_asym.details 
A N N 1 ? 
B N N 1 ? 
# 
_struct_ref.id                         1 
_struct_ref.entity_id                  1 
_struct_ref.db_name                    PDB 
_struct_ref.db_code                    1G3A 
_struct_ref.pdbx_db_accession          1G3A 
_struct_ref.pdbx_db_isoform            ? 
_struct_ref.pdbx_seq_one_letter_code   ? 
_struct_ref.pdbx_align_begin           ? 
# 
loop_
_struct_ref_seq.align_id 
_struct_ref_seq.ref_id 
_struct_ref_seq.pdbx_PDB_id_code 
_struct_ref_seq.pdbx_strand_id 
_struct_ref_seq.seq_align_beg 
_struct_ref_seq.pdbx_seq_align_beg_ins_code 
_struct_ref_seq.seq_align_end 
_struct_ref_seq.pdbx_seq_align_end_ins_code 
_struct_ref_seq.pdbx_db_accession 
_struct_ref_seq.db_align_beg 
_struct_ref_seq.pdbx_db_align_beg_ins_code 
_struct_ref_seq.db_align_end 
_struct_ref_seq.pdbx_db_align_end_ins_code 
_struct_ref_seq.pdbx_auth_seq_align_beg 
_struct_ref_seq.pdbx_auth_seq_align_end 
1 1 1G3A A 1 ? 6 ? 1G3A 1 ? 6 ? 1 6 
2 1 1G3A B 1 ? 6 ? 1G3A 1 ? 6 ? 1 6 
# 
_pdbx_struct_assembly.id                   1 
_pdbx_struct_assembly.details              author_defined_assembly 
_pdbx_struct_assembly.method_details       ? 
_pdbx_struct_assembly.oligomeric_details   dimeric 
_pdbx_struct_assembly.oligomeric_count     2 
# 
_pdbx_struct_assembly_gen.assembly_id       1 
_pdbx_struct_assembly_gen.oper_expression   1 
_pdbx_struct_assembly_gen.asym_id_list      A,B 
# 
_pdbx_struct_oper_list.id                   1 
_pdbx_struct_oper_list.type                 'identity operation' 
_pdbx_struct_oper_list.name                 1_555 
_pdbx_struct_oper_list.symmetry_operation   x,y,z 
_pdbx_struct_oper_list.matrix[1][1]         1.0000000000 
_pdbx_struct_oper_list.matrix[1][2]         0.0000000000 
_pdbx_struct_oper_list.matrix[1][3]         0.0000000000 
_pdbx_struct_oper_list.vector[1]            0.0000000000 
_pdbx_struct_oper_list.matrix[2][1]         0.0000000000 
_pdbx_struct_oper_list.matrix[2][2]         1.0000000000 
_pdbx_struct_oper_list.matrix[2][3]         0.0000000000 
_pdbx_struct_oper_list.vector[2]            0.0000000000 
_pdbx_struct_oper_list.matrix[3][1]         0.0000000000 
_pdbx_struct_oper_list.matrix[3][2]         0.0000000000 
_pdbx_struct_oper_list.matrix[3][3]         1.0000000000 
_pdbx_struct_oper_list.vector[3]            0.0000000000 
# 
_struct_biol.id   1 
# 
loop_
_struct_conn.id 
_struct_conn.conn_type_id 
_struct_conn.pdbx_leaving_atom_flag 
_struct_conn.pdbx_PDB_id 
_struct_conn.ptnr1_label_asym_id 
_struct_conn.ptnr1_label_comp_id 
_struct_conn.ptnr1_label_seq_id 
_struct_conn.ptnr1_label_atom_id 
_struct_conn.pdbx_ptnr1_label_alt_id 
_struct_conn.pdbx_ptnr1_PDB_ins_code 
_struct_conn.pdbx_ptnr1_standard_comp_id 
_struct_conn.ptnr1_symmetry 
_struct_conn.ptnr2_label_asym_id 
_struct_conn.ptnr2_label_comp_id 
_struct_conn.ptnr2_label_seq_id 
_struct_conn.ptnr2_label_atom_id 
_struct_conn.pdbx_ptnr2_label_alt_id 
_struct_conn.pdbx_ptnr2_PDB_ins_code 
_struct_conn.ptnr1_auth_asym_id 
_struct_conn.ptnr1_auth_comp_id 
_struct_conn.ptnr1_auth_seq_id 
_struct_conn.ptnr2_auth_asym_id 
_struct_conn.ptnr2_auth_comp_id 
_struct_conn.ptnr2_auth_seq_id 
_struct_conn.ptnr2_symmetry 
_struct_conn.pdbx_ptnr3_label_atom_id 
_struct_conn.pdbx_ptnr3_label_seq_id 
_struct_conn.pdbx_ptnr3_label_comp_id 
_struct_conn.pdbx_ptnr3_label_asym_id 
_struct_conn.pdbx_ptnr3_label_alt_id 
_struct_conn.pdbx_ptnr3_PDB_ins_code 
_struct_conn.details 
_struct_conn.pdbx_dist_value 
_struct_conn.pdbx_value_order 
_struct_conn.pdbx_role 
covale1  covale both ? A C  1 "O3'" ? ? ? 1_555 A IG 2 P  ? ? A C  1 A IG 2 1_555 ? ? ? ? ? ? ?            1.611 ? ? 
covale2  covale both ? A IG 2 "O3'" ? ? ? 1_555 A C  3 P  ? ? A IG 2 A C  3 1_555 ? ? ? ? ? ? ?            1.614 ? ? 
covale3  covale both ? A G  4 "O3'" ? ? ? 1_555 A IC 5 P  ? ? A G  4 A IC 5 1_555 ? ? ? ? ? ? ?            1.617 ? ? 
covale4  covale both ? A IC 5 "O3'" ? ? ? 1_555 A G  6 P  ? ? A IC 5 A G  6 1_555 ? ? ? ? ? ? ?            1.617 ? ? 
covale5  covale both ? B C  1 "O3'" ? ? ? 1_555 B IG 2 P  ? ? B C  1 B IG 2 1_555 ? ? ? ? ? ? ?            1.611 ? ? 
covale6  covale both ? B IG 2 "O3'" ? ? ? 1_555 B C  3 P  ? ? B IG 2 B C  3 1_555 ? ? ? ? ? ? ?            1.614 ? ? 
covale7  covale both ? B G  4 "O3'" ? ? ? 1_555 B IC 5 P  ? ? B G  4 B IC 5 1_555 ? ? ? ? ? ? ?            1.617 ? ? 
covale8  covale both ? B IC 5 "O3'" ? ? ? 1_555 B G  6 P  ? ? B IC 5 B G  6 1_555 ? ? ? ? ? ? ?            1.617 ? ? 
hydrog1  hydrog ?    ? A C  1 N3    ? ? ? 1_555 B G  6 N1 ? ? A C  1 B G  6 1_555 ? ? ? ? ? ? WATSON-CRICK ?     ? ? 
hydrog2  hydrog ?    ? A C  1 N4    ? ? ? 1_555 B G  6 O6 ? ? A C  1 B G  6 1_555 ? ? ? ? ? ? WATSON-CRICK ?     ? ? 
hydrog3  hydrog ?    ? A C  1 O2    ? ? ? 1_555 B G  6 N2 ? ? A C  1 B G  6 1_555 ? ? ? ? ? ? WATSON-CRICK ?     ? ? 
hydrog4  hydrog ?    ? A IG 2 N1    ? ? ? 1_555 B IC 5 N3 ? ? A IG 2 B IC 5 1_555 ? ? ? ? ? ? 'IG-IC PAIR' ?     ? ? 
hydrog5  hydrog ?    ? A C  3 N3    ? ? ? 1_555 B G  4 N1 ? ? A C  3 B G  4 1_555 ? ? ? ? ? ? WATSON-CRICK ?     ? ? 
hydrog6  hydrog ?    ? A C  3 N4    ? ? ? 1_555 B G  4 O6 ? ? A C  3 B G  4 1_555 ? ? ? ? ? ? WATSON-CRICK ?     ? ? 
hydrog7  hydrog ?    ? A C  3 O2    ? ? ? 1_555 B G  4 N2 ? ? A C  3 B G  4 1_555 ? ? ? ? ? ? WATSON-CRICK ?     ? ? 
hydrog8  hydrog ?    ? A G  4 N1    ? ? ? 1_555 B C  3 N3 ? ? A G  4 B C  3 1_555 ? ? ? ? ? ? WATSON-CRICK ?     ? ? 
hydrog9  hydrog ?    ? A G  4 N2    ? ? ? 1_555 B C  3 O2 ? ? A G  4 B C  3 1_555 ? ? ? ? ? ? WATSON-CRICK ?     ? ? 
hydrog10 hydrog ?    ? A G  4 O6    ? ? ? 1_555 B C  3 N4 ? ? A G  4 B C  3 1_555 ? ? ? ? ? ? WATSON-CRICK ?     ? ? 
hydrog11 hydrog ?    ? A IC 5 N3    ? ? ? 1_555 B IG 2 N1 ? ? A IC 5 B IG 2 1_555 ? ? ? ? ? ? 'IC-IG PAIR' ?     ? ? 
hydrog12 hydrog ?    ? A G  6 N1    ? ? ? 1_555 B C  1 N3 ? ? A G  6 B C  1 1_555 ? ? ? ? ? ? WATSON-CRICK ?     ? ? 
hydrog13 hydrog ?    ? A G  6 N2    ? ? ? 1_555 B C  1 O2 ? ? A G  6 B C  1 1_555 ? ? ? ? ? ? WATSON-CRICK ?     ? ? 
hydrog14 hydrog ?    ? A G  6 O6    ? ? ? 1_555 B C  1 N4 ? ? A G  6 B C  1 1_555 ? ? ? ? ? ? WATSON-CRICK ?     ? ? 
# 
loop_
_struct_conn_type.id 
_struct_conn_type.criteria 
_struct_conn_type.reference 
covale ? ? 
hydrog ? ? 
# 
_pdbx_validate_rmsd_angle.id                         1 
_pdbx_validate_rmsd_angle.PDB_model_num              1 
_pdbx_validate_rmsd_angle.auth_atom_id_1             "O4'" 
_pdbx_validate_rmsd_angle.auth_asym_id_1             A 
_pdbx_validate_rmsd_angle.auth_comp_id_1             C 
_pdbx_validate_rmsd_angle.auth_seq_id_1              3 
_pdbx_validate_rmsd_angle.PDB_ins_code_1             ? 
_pdbx_validate_rmsd_angle.label_alt_id_1             ? 
_pdbx_validate_rmsd_angle.auth_atom_id_2             "C1'" 
_pdbx_validate_rmsd_angle.auth_asym_id_2             A 
_pdbx_validate_rmsd_angle.auth_comp_id_2             C 
_pdbx_validate_rmsd_angle.auth_seq_id_2              3 
_pdbx_validate_rmsd_angle.PDB_ins_code_2             ? 
_pdbx_validate_rmsd_angle.label_alt_id_2             ? 
_pdbx_validate_rmsd_angle.auth_atom_id_3             N1 
_pdbx_validate_rmsd_angle.auth_asym_id_3             A 
_pdbx_validate_rmsd_angle.auth_comp_id_3             C 
_pdbx_validate_rmsd_angle.auth_seq_id_3              3 
_pdbx_validate_rmsd_angle.PDB_ins_code_3             ? 
_pdbx_validate_rmsd_angle.label_alt_id_3             ? 
_pdbx_validate_rmsd_angle.angle_value                113.01 
_pdbx_validate_rmsd_angle.angle_target_value         108.50 
_pdbx_validate_rmsd_angle.angle_deviation            4.51 
_pdbx_validate_rmsd_angle.angle_standard_deviation   0.70 
_pdbx_validate_rmsd_angle.linker_flag                N 
# 
loop_
_pdbx_validate_planes.id 
_pdbx_validate_planes.PDB_model_num 
_pdbx_validate_planes.auth_comp_id 
_pdbx_validate_planes.auth_asym_id 
_pdbx_validate_planes.auth_seq_id 
_pdbx_validate_planes.PDB_ins_code 
_pdbx_validate_planes.label_alt_id 
_pdbx_validate_planes.rmsd 
_pdbx_validate_planes.type 
1 1 C A 1 ? ? 0.095 'SIDE CHAIN' 
2 1 C B 1 ? ? 0.094 'SIDE CHAIN' 
3 1 G B 4 ? ? 0.059 'SIDE CHAIN' 
# 
loop_
_pdbx_struct_mod_residue.id 
_pdbx_struct_mod_residue.label_asym_id 
_pdbx_struct_mod_residue.label_comp_id 
_pdbx_struct_mod_residue.label_seq_id 
_pdbx_struct_mod_residue.auth_asym_id 
_pdbx_struct_mod_residue.auth_comp_id 
_pdbx_struct_mod_residue.auth_seq_id 
_pdbx_struct_mod_residue.PDB_ins_code 
_pdbx_struct_mod_residue.parent_comp_id 
_pdbx_struct_mod_residue.details 
1 A IG 2 A IG 2 ? G "ISOGUANOSINE-5'-MONOPHOSPHATE" 
2 A IC 5 A IC 5 ? C "ISOCYTIDINE-5'-MONOPHOSPHATE"  
3 B IG 2 B IG 2 ? G "ISOGUANOSINE-5'-MONOPHOSPHATE" 
4 B IC 5 B IC 5 ? C "ISOCYTIDINE-5'-MONOPHOSPHATE"  
# 
_pdbx_nmr_ensemble.entry_id                             1G3A 
_pdbx_nmr_ensemble.conformers_calculated_total_number   ? 
_pdbx_nmr_ensemble.conformers_submitted_total_number    1 
_pdbx_nmr_ensemble.conformer_selection_criteria         ? 
# 
_pdbx_nmr_sample_details.solution_id      1 
_pdbx_nmr_sample_details.contents         '3.5 mM RNA oligomer, 10 mM phosphate, pH=7.0, water' 
_pdbx_nmr_sample_details.solvent_system   ? 
# 
_pdbx_nmr_exptl_sample_conditions.conditions_id       1 
_pdbx_nmr_exptl_sample_conditions.temperature         303 
_pdbx_nmr_exptl_sample_conditions.pressure            ambient 
_pdbx_nmr_exptl_sample_conditions.pH                  7.0 
_pdbx_nmr_exptl_sample_conditions.ionic_strength      ? 
_pdbx_nmr_exptl_sample_conditions.pressure_units      ? 
_pdbx_nmr_exptl_sample_conditions.temperature_units   K 
# 
_pdbx_nmr_refine.entry_id           1G3A 
_pdbx_nmr_refine.method             
;simulated annealing 
molecular dynamics
;
_pdbx_nmr_refine.details            ? 
_pdbx_nmr_refine.software_ordinal   1 
# 
loop_
_pdbx_nmr_software.name 
_pdbx_nmr_software.version 
_pdbx_nmr_software.classification 
_pdbx_nmr_software.authors 
_pdbx_nmr_software.ordinal 
VNMR  5.1 collection varian 1 
Felix 95  processing MSI    2 
# 
loop_
_chem_comp_atom.comp_id 
_chem_comp_atom.atom_id 
_chem_comp_atom.type_symbol 
_chem_comp_atom.pdbx_aromatic_flag 
_chem_comp_atom.pdbx_stereo_config 
_chem_comp_atom.pdbx_ordinal 
C  OP3    O N N 1   
C  P      P N N 2   
C  OP1    O N N 3   
C  OP2    O N N 4   
C  "O5'"  O N N 5   
C  "C5'"  C N N 6   
C  "C4'"  C N R 7   
C  "O4'"  O N N 8   
C  "C3'"  C N S 9   
C  "O3'"  O N N 10  
C  "C2'"  C N R 11  
C  "O2'"  O N N 12  
C  "C1'"  C N R 13  
C  N1     N N N 14  
C  C2     C N N 15  
C  O2     O N N 16  
C  N3     N N N 17  
C  C4     C N N 18  
C  N4     N N N 19  
C  C5     C N N 20  
C  C6     C N N 21  
C  HOP3   H N N 22  
C  HOP2   H N N 23  
C  "H5'"  H N N 24  
C  "H5''" H N N 25  
C  "H4'"  H N N 26  
C  "H3'"  H N N 27  
C  "HO3'" H N N 28  
C  "H2'"  H N N 29  
C  "HO2'" H N N 30  
C  "H1'"  H N N 31  
C  H41    H N N 32  
C  H42    H N N 33  
C  H5     H N N 34  
C  H6     H N N 35  
G  OP3    O N N 36  
G  P      P N N 37  
G  OP1    O N N 38  
G  OP2    O N N 39  
G  "O5'"  O N N 40  
G  "C5'"  C N N 41  
G  "C4'"  C N R 42  
G  "O4'"  O N N 43  
G  "C3'"  C N S 44  
G  "O3'"  O N N 45  
G  "C2'"  C N R 46  
G  "O2'"  O N N 47  
G  "C1'"  C N R 48  
G  N9     N Y N 49  
G  C8     C Y N 50  
G  N7     N Y N 51  
G  C5     C Y N 52  
G  C6     C N N 53  
G  O6     O N N 54  
G  N1     N N N 55  
G  C2     C N N 56  
G  N2     N N N 57  
G  N3     N N N 58  
G  C4     C Y N 59  
G  HOP3   H N N 60  
G  HOP2   H N N 61  
G  "H5'"  H N N 62  
G  "H5''" H N N 63  
G  "H4'"  H N N 64  
G  "H3'"  H N N 65  
G  "HO3'" H N N 66  
G  "H2'"  H N N 67  
G  "HO2'" H N N 68  
G  "H1'"  H N N 69  
G  H8     H N N 70  
G  H1     H N N 71  
G  H21    H N N 72  
G  H22    H N N 73  
IC P      P N N 74  
IC OP1    O N N 75  
IC OP2    O N N 76  
IC OP3    O N N 77  
IC "O5'"  O N N 78  
IC "O3'"  O N N 79  
IC "C1'"  C N R 80  
IC "C2'"  C N R 81  
IC "C3'"  C N S 82  
IC "C4'"  C N R 83  
IC "C5'"  C N N 84  
IC "O4'"  O N N 85  
IC "O2'"  O N N 86  
IC N2     N N N 87  
IC C4     C N N 88  
IC N3     N N N 89  
IC C2     C N N 90  
IC O4     O N N 91  
IC N1     N N N 92  
IC C6     C N N 93  
IC C5     C N N 94  
IC HOP2   H N N 95  
IC HOP3   H N N 96  
IC "HO3'" H N N 97  
IC "H1'"  H N N 98  
IC "H2'"  H N N 99  
IC "H3'"  H N N 100 
IC "H4'"  H N N 101 
IC "H5'"  H N N 102 
IC "H5''" H N N 103 
IC "HO2'" H N N 104 
IC H21    H N N 105 
IC H22    H N N 106 
IC H6     H N N 107 
IC H5     H N N 108 
IG P      P N N 109 
IG OP1    O N N 110 
IG OP2    O N N 111 
IG OP3    O N N 112 
IG "O5'"  O N N 113 
IG "O3'"  O N N 114 
IG "C1'"  C N R 115 
IG "C2'"  C N R 116 
IG "C3'"  C N S 117 
IG "C4'"  C N R 118 
IG "C5'"  C N N 119 
IG "O4'"  O N N 120 
IG "O2'"  O N N 121 
IG N6     N N N 122 
IG O2     O N N 123 
IG C6     C N N 124 
IG C5     C N N 125 
IG N7     N N N 126 
IG C8     C N N 127 
IG N9     N N N 128 
IG C4     C N N 129 
IG N3     N N N 130 
IG C2     C N N 131 
IG N1     N N N 132 
IG HOP2   H N N 133 
IG HOP3   H N N 134 
IG "HO3'" H N N 135 
IG "H1'"  H N N 136 
IG "H2'"  H N N 137 
IG "H3'"  H N N 138 
IG "H4'"  H N N 139 
IG "H5'"  H N N 140 
IG "H5''" H N N 141 
IG "HO2'" H N N 142 
IG H61    H N N 143 
IG H62    H N N 144 
IG H8     H N N 145 
IG H1     H N N 146 
# 
loop_
_chem_comp_bond.comp_id 
_chem_comp_bond.atom_id_1 
_chem_comp_bond.atom_id_2 
_chem_comp_bond.value_order 
_chem_comp_bond.pdbx_aromatic_flag 
_chem_comp_bond.pdbx_stereo_config 
_chem_comp_bond.pdbx_ordinal 
C  OP3   P      sing N N 1   
C  OP3   HOP3   sing N N 2   
C  P     OP1    doub N N 3   
C  P     OP2    sing N N 4   
C  P     "O5'"  sing N N 5   
C  OP2   HOP2   sing N N 6   
C  "O5'" "C5'"  sing N N 7   
C  "C5'" "C4'"  sing N N 8   
C  "C5'" "H5'"  sing N N 9   
C  "C5'" "H5''" sing N N 10  
C  "C4'" "O4'"  sing N N 11  
C  "C4'" "C3'"  sing N N 12  
C  "C4'" "H4'"  sing N N 13  
C  "O4'" "C1'"  sing N N 14  
C  "C3'" "O3'"  sing N N 15  
C  "C3'" "C2'"  sing N N 16  
C  "C3'" "H3'"  sing N N 17  
C  "O3'" "HO3'" sing N N 18  
C  "C2'" "O2'"  sing N N 19  
C  "C2'" "C1'"  sing N N 20  
C  "C2'" "H2'"  sing N N 21  
C  "O2'" "HO2'" sing N N 22  
C  "C1'" N1     sing N N 23  
C  "C1'" "H1'"  sing N N 24  
C  N1    C2     sing N N 25  
C  N1    C6     sing N N 26  
C  C2    O2     doub N N 27  
C  C2    N3     sing N N 28  
C  N3    C4     doub N N 29  
C  C4    N4     sing N N 30  
C  C4    C5     sing N N 31  
C  N4    H41    sing N N 32  
C  N4    H42    sing N N 33  
C  C5    C6     doub N N 34  
C  C5    H5     sing N N 35  
C  C6    H6     sing N N 36  
G  OP3   P      sing N N 37  
G  OP3   HOP3   sing N N 38  
G  P     OP1    doub N N 39  
G  P     OP2    sing N N 40  
G  P     "O5'"  sing N N 41  
G  OP2   HOP2   sing N N 42  
G  "O5'" "C5'"  sing N N 43  
G  "C5'" "C4'"  sing N N 44  
G  "C5'" "H5'"  sing N N 45  
G  "C5'" "H5''" sing N N 46  
G  "C4'" "O4'"  sing N N 47  
G  "C4'" "C3'"  sing N N 48  
G  "C4'" "H4'"  sing N N 49  
G  "O4'" "C1'"  sing N N 50  
G  "C3'" "O3'"  sing N N 51  
G  "C3'" "C2'"  sing N N 52  
G  "C3'" "H3'"  sing N N 53  
G  "O3'" "HO3'" sing N N 54  
G  "C2'" "O2'"  sing N N 55  
G  "C2'" "C1'"  sing N N 56  
G  "C2'" "H2'"  sing N N 57  
G  "O2'" "HO2'" sing N N 58  
G  "C1'" N9     sing N N 59  
G  "C1'" "H1'"  sing N N 60  
G  N9    C8     sing Y N 61  
G  N9    C4     sing Y N 62  
G  C8    N7     doub Y N 63  
G  C8    H8     sing N N 64  
G  N7    C5     sing Y N 65  
G  C5    C6     sing N N 66  
G  C5    C4     doub Y N 67  
G  C6    O6     doub N N 68  
G  C6    N1     sing N N 69  
G  N1    C2     sing N N 70  
G  N1    H1     sing N N 71  
G  C2    N2     sing N N 72  
G  C2    N3     doub N N 73  
G  N2    H21    sing N N 74  
G  N2    H22    sing N N 75  
G  N3    C4     sing N N 76  
IC P     OP1    doub N N 77  
IC P     OP2    sing N N 78  
IC P     OP3    sing N N 79  
IC P     "O5'"  sing N N 80  
IC OP2   HOP2   sing N N 81  
IC OP3   HOP3   sing N N 82  
IC "O5'" "C5'"  sing N N 83  
IC "O3'" "C3'"  sing N N 84  
IC "O3'" "HO3'" sing N N 85  
IC "C1'" "C2'"  sing N N 86  
IC "C1'" "O4'"  sing N N 87  
IC "C1'" N1     sing N N 88  
IC "C1'" "H1'"  sing N N 89  
IC "C2'" "C3'"  sing N N 90  
IC "C2'" "O2'"  sing N N 91  
IC "C2'" "H2'"  sing N N 92  
IC "C3'" "C4'"  sing N N 93  
IC "C3'" "H3'"  sing N N 94  
IC "C4'" "C5'"  sing N N 95  
IC "C4'" "O4'"  sing N N 96  
IC "C4'" "H4'"  sing N N 97  
IC "C5'" "H5'"  sing N N 98  
IC "C5'" "H5''" sing N N 99  
IC "O2'" "HO2'" sing N N 100 
IC N2    C2     sing N N 101 
IC N2    H21    sing N N 102 
IC N2    H22    sing N N 103 
IC C4    N3     sing N N 104 
IC C4    O4     doub N N 105 
IC C4    C5     sing N N 106 
IC N3    C2     doub N N 107 
IC C2    N1     sing N N 108 
IC N1    C6     sing N N 109 
IC C6    C5     doub N N 110 
IC C6    H6     sing N N 111 
IC C5    H5     sing N N 112 
IG P     OP1    doub N N 113 
IG P     OP2    sing N N 114 
IG P     OP3    sing N N 115 
IG P     "O5'"  sing N N 116 
IG OP2   HOP2   sing N N 117 
IG OP3   HOP3   sing N N 118 
IG "O5'" "C5'"  sing N N 119 
IG "O3'" "C3'"  sing N N 120 
IG "O3'" "HO3'" sing N N 121 
IG "C1'" "C2'"  sing N N 122 
IG "C1'" "O4'"  sing N N 123 
IG "C1'" N9     sing N N 124 
IG "C1'" "H1'"  sing N N 125 
IG "C2'" "C3'"  sing N N 126 
IG "C2'" "O2'"  sing N N 127 
IG "C2'" "H2'"  sing N N 128 
IG "C3'" "C4'"  sing N N 129 
IG "C3'" "H3'"  sing N N 130 
IG "C4'" "C5'"  sing N N 131 
IG "C4'" "O4'"  sing N N 132 
IG "C4'" "H4'"  sing N N 133 
IG "C5'" "H5'"  sing N N 134 
IG "C5'" "H5''" sing N N 135 
IG "O2'" "HO2'" sing N N 136 
IG N6    C6     sing N N 137 
IG N6    H61    sing N N 138 
IG N6    H62    sing N N 139 
IG O2    C2     doub N N 140 
IG C6    C5     doub N N 141 
IG C6    N1     sing N N 142 
IG C5    N7     sing N N 143 
IG C5    C4     sing N N 144 
IG N7    C8     doub N N 145 
IG C8    N9     sing N N 146 
IG C8    H8     sing N N 147 
IG N9    C4     sing N N 148 
IG C4    N3     doub N N 149 
IG N3    C2     sing N N 150 
IG C2    N1     sing N N 151 
IG N1    H1     sing N N 152 
# 
_ndb_struct_conf_na.entry_id   1G3A 
_ndb_struct_conf_na.feature    'a-form double helix' 
# 
loop_
_ndb_struct_na_base_pair.model_number 
_ndb_struct_na_base_pair.i_label_asym_id 
_ndb_struct_na_base_pair.i_label_comp_id 
_ndb_struct_na_base_pair.i_label_seq_id 
_ndb_struct_na_base_pair.i_symmetry 
_ndb_struct_na_base_pair.j_label_asym_id 
_ndb_struct_na_base_pair.j_label_comp_id 
_ndb_struct_na_base_pair.j_label_seq_id 
_ndb_struct_na_base_pair.j_symmetry 
_ndb_struct_na_base_pair.shear 
_ndb_struct_na_base_pair.stretch 
_ndb_struct_na_base_pair.stagger 
_ndb_struct_na_base_pair.buckle 
_ndb_struct_na_base_pair.propeller 
_ndb_struct_na_base_pair.opening 
_ndb_struct_na_base_pair.pair_number 
_ndb_struct_na_base_pair.pair_name 
_ndb_struct_na_base_pair.i_auth_asym_id 
_ndb_struct_na_base_pair.i_auth_seq_id 
_ndb_struct_na_base_pair.i_PDB_ins_code 
_ndb_struct_na_base_pair.j_auth_asym_id 
_ndb_struct_na_base_pair.j_auth_seq_id 
_ndb_struct_na_base_pair.j_PDB_ins_code 
_ndb_struct_na_base_pair.hbond_type_28 
_ndb_struct_na_base_pair.hbond_type_12 
1 A C  1 1_555 B G  6 1_555 0.373  0.059  -0.354 39.222  -40.970 -0.573 1 A_C1:G6_B   A 1 ? B 6 ? 19 1 
1 A IG 2 1_555 B IC 5 1_555 -0.166 -0.121 0.226  2.663   -20.565 -4.326 2 A_IG2:IC5_B A 2 ? B 5 ? ?  ? 
1 A C  3 1_555 B G  4 1_555 0.442  -0.120 0.114  4.256   -22.180 0.326  3 A_C3:G4_B   A 3 ? B 4 ? 19 1 
1 A G  4 1_555 B C  3 1_555 -0.404 -0.114 0.119  -4.209  -21.827 0.152  4 A_G4:C3_B   A 4 ? B 3 ? 19 1 
1 A IC 5 1_555 B IG 2 1_555 0.152  -0.114 0.211  -2.298  -20.635 -4.279 5 A_IC5:IG2_B A 5 ? B 2 ? ?  ? 
1 A G  6 1_555 B C  1 1_555 -0.357 0.036  -0.322 -36.443 -39.634 -0.106 6 A_G6:C1_B   A 6 ? B 1 ? 19 1 
# 
loop_
_ndb_struct_na_base_pair_step.model_number 
_ndb_struct_na_base_pair_step.i_label_asym_id_1 
_ndb_struct_na_base_pair_step.i_label_comp_id_1 
_ndb_struct_na_base_pair_step.i_label_seq_id_1 
_ndb_struct_na_base_pair_step.i_symmetry_1 
_ndb_struct_na_base_pair_step.j_label_asym_id_1 
_ndb_struct_na_base_pair_step.j_label_comp_id_1 
_ndb_struct_na_base_pair_step.j_label_seq_id_1 
_ndb_struct_na_base_pair_step.j_symmetry_1 
_ndb_struct_na_base_pair_step.i_label_asym_id_2 
_ndb_struct_na_base_pair_step.i_label_comp_id_2 
_ndb_struct_na_base_pair_step.i_label_seq_id_2 
_ndb_struct_na_base_pair_step.i_symmetry_2 
_ndb_struct_na_base_pair_step.j_label_asym_id_2 
_ndb_struct_na_base_pair_step.j_label_comp_id_2 
_ndb_struct_na_base_pair_step.j_label_seq_id_2 
_ndb_struct_na_base_pair_step.j_symmetry_2 
_ndb_struct_na_base_pair_step.shift 
_ndb_struct_na_base_pair_step.slide 
_ndb_struct_na_base_pair_step.rise 
_ndb_struct_na_base_pair_step.tilt 
_ndb_struct_na_base_pair_step.roll 
_ndb_struct_na_base_pair_step.twist 
_ndb_struct_na_base_pair_step.x_displacement 
_ndb_struct_na_base_pair_step.y_displacement 
_ndb_struct_na_base_pair_step.helical_rise 
_ndb_struct_na_base_pair_step.inclination 
_ndb_struct_na_base_pair_step.tip 
_ndb_struct_na_base_pair_step.helical_twist 
_ndb_struct_na_base_pair_step.step_number 
_ndb_struct_na_base_pair_step.step_name 
_ndb_struct_na_base_pair_step.i_auth_asym_id_1 
_ndb_struct_na_base_pair_step.i_auth_seq_id_1 
_ndb_struct_na_base_pair_step.i_PDB_ins_code_1 
_ndb_struct_na_base_pair_step.j_auth_asym_id_1 
_ndb_struct_na_base_pair_step.j_auth_seq_id_1 
_ndb_struct_na_base_pair_step.j_PDB_ins_code_1 
_ndb_struct_na_base_pair_step.i_auth_asym_id_2 
_ndb_struct_na_base_pair_step.i_auth_seq_id_2 
_ndb_struct_na_base_pair_step.i_PDB_ins_code_2 
_ndb_struct_na_base_pair_step.j_auth_asym_id_2 
_ndb_struct_na_base_pair_step.j_auth_seq_id_2 
_ndb_struct_na_base_pair_step.j_PDB_ins_code_2 
1 A C  1 1_555 B G  6 1_555 A IG 2 1_555 B IC 5 1_555 -1.019 -0.768 3.959 -9.615 22.478 41.310 -3.107 0.336  3.303 29.014 12.412  
47.728 1 AA_C1IG2:IC5G6_BB A 1 ? B 6 ? A 2 ? B 5 ? 
1 A IG 2 1_555 B IC 5 1_555 A C  3 1_555 B G  4 1_555 0.338  -1.310 3.158 1.944  0.784  35.732 -2.240 -0.280 3.143 1.277  -3.165  
35.792 2 AA_IG2C3:G4IC5_BB A 2 ? B 5 ? A 3 ? B 4 ? 
1 A C  3 1_555 B G  4 1_555 A G  4 1_555 B C  3 1_555 -0.018 -1.465 3.213 0.157  17.469 30.435 -4.732 0.051  2.091 30.341 -0.273  
34.990 3 AA_C3G4:C3G4_BB   A 3 ? B 4 ? A 4 ? B 3 ? 
1 A G  4 1_555 B C  3 1_555 A IC 5 1_555 B IG 2 1_555 -0.321 -1.325 3.155 -1.539 0.807  35.440 -2.288 0.310  3.136 1.325  2.527   
35.481 4 AA_G4IC5:IG2C3_BB A 4 ? B 3 ? A 5 ? B 2 ? 
1 A IC 5 1_555 B IG 2 1_555 A G  6 1_555 B C  1 1_555 0.935  -0.799 3.914 8.777  21.721 40.090 -3.210 -0.307 3.230 28.900 -11.678 
46.189 5 AA_IC5G6:C1IG2_BB A 5 ? B 2 ? A 6 ? B 1 ? 
# 
loop_
_pdbx_nmr_spectrometer.spectrometer_id 
_pdbx_nmr_spectrometer.type 
_pdbx_nmr_spectrometer.manufacturer 
_pdbx_nmr_spectrometer.model 
_pdbx_nmr_spectrometer.field_strength 
1 ? Varian INOVA 500 
2 ? Varian UNITY 500 
# 
_atom_sites.entry_id                    1G3A 
_atom_sites.fract_transf_matrix[1][1]   1.000000 
_atom_sites.fract_transf_matrix[1][2]   0.000000 
_atom_sites.fract_transf_matrix[1][3]   0.000000 
_atom_sites.fract_transf_matrix[2][1]   0.000000 
_atom_sites.fract_transf_matrix[2][2]   1.000000 
_atom_sites.fract_transf_matrix[2][3]   0.000000 
_atom_sites.fract_transf_matrix[3][1]   0.000000 
_atom_sites.fract_transf_matrix[3][2]   0.000000 
_atom_sites.fract_transf_matrix[3][3]   1.000000 
_atom_sites.fract_transf_vector[1]      0.00000 
_atom_sites.fract_transf_vector[2]      0.00000 
_atom_sites.fract_transf_vector[3]      0.00000 
# 
loop_
_atom_type.symbol 
C 
H 
N 
O 
P 
# 
loop_
_atom_site.group_PDB 
_atom_site.id 
_atom_site.type_symbol 
_atom_site.label_atom_id 
_atom_site.label_alt_id 
_atom_site.label_comp_id 
_atom_site.label_asym_id 
_atom_site.label_entity_id 
_atom_site.label_seq_id 
_atom_site.pdbx_PDB_ins_code 
_atom_site.Cartn_x 
_atom_site.Cartn_y 
_atom_site.Cartn_z 
_atom_site.occupancy 
_atom_site.B_iso_or_equiv 
_atom_site.pdbx_formal_charge 
_atom_site.auth_seq_id 
_atom_site.auth_comp_id 
_atom_site.auth_asym_id 
_atom_site.auth_atom_id 
_atom_site.pdbx_PDB_model_num 
ATOM   1   O "O5'"  . C  A 1 1 ? -3.478 -5.077  -7.670  1.00 0.00 ? 1 C  A "O5'"  1 
ATOM   2   C "C5'"  . C  A 1 1 ? -4.393 -5.068  -8.749  1.00 0.00 ? 1 C  A "C5'"  1 
ATOM   3   C "C4'"  . C  A 1 1 ? -4.772 -3.651  -9.194  1.00 0.00 ? 1 C  A "C4'"  1 
ATOM   4   O "O4'"  . C  A 1 1 ? -5.730 -3.068  -8.334  1.00 0.00 ? 1 C  A "O4'"  1 
ATOM   5   C "C3'"  . C  A 1 1 ? -3.620 -2.646  -9.243  1.00 0.00 ? 1 C  A "C3'"  1 
ATOM   6   O "O3'"  . C  A 1 1 ? -2.788 -2.831  -10.375 1.00 0.00 ? 1 C  A "O3'"  1 
ATOM   7   C "C2'"  . C  A 1 1 ? -4.399 -1.340  -9.303  1.00 0.00 ? 1 C  A "C2'"  1 
ATOM   8   O "O2'"  . C  A 1 1 ? -4.851 -1.083  -10.620 1.00 0.00 ? 1 C  A "O2'"  1 
ATOM   9   C "C1'"  . C  A 1 1 ? -5.595 -1.651  -8.397  1.00 0.00 ? 1 C  A "C1'"  1 
ATOM   10  N N1     . C  A 1 1 ? -5.477 -1.063  -7.027  1.00 0.00 ? 1 C  A N1     1 
ATOM   11  C C2     . C  A 1 1 ? -5.782 0.293   -6.863  1.00 0.00 ? 1 C  A C2     1 
ATOM   12  O O2     . C  A 1 1 ? -5.897 1.052   -7.824  1.00 0.00 ? 1 C  A O2     1 
ATOM   13  N N3     . C  A 1 1 ? -5.950 0.790   -5.607  1.00 0.00 ? 1 C  A N3     1 
ATOM   14  C C4     . C  A 1 1 ? -5.765 0.018   -4.536  1.00 0.00 ? 1 C  A C4     1 
ATOM   15  N N4     . C  A 1 1 ? -5.946 0.571   -3.342  1.00 0.00 ? 1 C  A N4     1 
ATOM   16  C C5     . C  A 1 1 ? -5.343 -1.346  -4.662  1.00 0.00 ? 1 C  A C5     1 
ATOM   17  C C6     . C  A 1 1 ? -5.211 -1.843  -5.919  1.00 0.00 ? 1 C  A C6     1 
ATOM   18  H "H5'"  . C  A 1 1 ? -5.295 -5.611  -8.468  1.00 0.00 ? 1 C  A "H5'"  1 
ATOM   19  H "H5''" . C  A 1 1 ? -3.932 -5.573  -9.597  1.00 0.00 ? 1 C  A "H5''" 1 
ATOM   20  H "H4'"  . C  A 1 1 ? -5.214 -3.715  -10.190 1.00 0.00 ? 1 C  A "H4'"  1 
ATOM   21  H "H3'"  . C  A 1 1 ? -3.055 -2.661  -8.311  1.00 0.00 ? 1 C  A "H3'"  1 
ATOM   22  H "H2'"  . C  A 1 1 ? -3.815 -0.497  -8.938  1.00 0.00 ? 1 C  A "H2'"  1 
ATOM   23  H "HO2'" . C  A 1 1 ? -4.120 -1.287  -11.212 1.00 0.00 ? 1 C  A "HO2'" 1 
ATOM   24  H "H1'"  . C  A 1 1 ? -6.477 -1.240  -8.879  1.00 0.00 ? 1 C  A "H1'"  1 
ATOM   25  H H41    . C  A 1 1 ? -6.198 1.553   -3.289  1.00 0.00 ? 1 C  A H41    1 
ATOM   26  H H42    . C  A 1 1 ? -5.784 0.044   -2.500  1.00 0.00 ? 1 C  A H42    1 
ATOM   27  H H5     . C  A 1 1 ? -5.150 -1.982  -3.811  1.00 0.00 ? 1 C  A H5     1 
ATOM   28  H H6     . C  A 1 1 ? -4.915 -2.877  -6.046  1.00 0.00 ? 1 C  A H6     1 
ATOM   29  H "HO5'" . C  A 1 1 ? -2.604 -4.815  -8.023  1.00 0.00 ? 1 C  A "HO5'" 1 
HETATM 30  P P      . IG A 1 2 ? -1.322 -3.485  -10.241 1.00 0.00 ? 2 IG A P      1 
HETATM 31  O OP1    . IG A 1 2 ? -0.972 -4.105  -11.537 1.00 0.00 ? 2 IG A OP1    1 
HETATM 32  O OP2    . IG A 1 2 ? -1.278 -4.286  -8.994  1.00 0.00 ? 2 IG A OP2    1 
HETATM 33  O "O5'"  . IG A 1 2 ? -0.442 -2.152  -10.036 1.00 0.00 ? 2 IG A "O5'"  1 
HETATM 34  O "O3'"  . IG A 1 2 ? 2.729  0.077   -10.193 1.00 0.00 ? 2 IG A "O3'"  1 
HETATM 35  C "C1'"  . IG A 1 2 ? -0.404 1.583   -9.148  1.00 0.00 ? 2 IG A "C1'"  1 
HETATM 36  C "C2'"  . IG A 1 2 ? 1.116  1.512   -9.062  1.00 0.00 ? 2 IG A "C2'"  1 
HETATM 37  C "C3'"  . IG A 1 2 ? 1.419  0.136   -9.651  1.00 0.00 ? 2 IG A "C3'"  1 
HETATM 38  C "C4'"  . IG A 1 2 ? 0.336  0.057   -10.730 1.00 0.00 ? 2 IG A "C4'"  1 
HETATM 39  C "C5'"  . IG A 1 2 ? -0.039 -1.369  -11.145 1.00 0.00 ? 2 IG A "C5'"  1 
HETATM 40  O "O4'"  . IG A 1 2 ? -0.798 0.762   -10.240 1.00 0.00 ? 2 IG A "O4'"  1 
HETATM 41  O "O2'"  . IG A 1 2 ? 1.663  2.544   -9.864  1.00 0.00 ? 2 IG A "O2'"  1 
HETATM 42  N N6     . IG A 1 2 ? -2.841 1.124   -3.631  1.00 0.00 ? 2 IG A N6     1 
HETATM 43  O O2     . IG A 1 2 ? -0.657 4.866   -5.030  1.00 0.00 ? 2 IG A O2     1 
HETATM 44  C C6     . IG A 1 2 ? -2.181 1.709   -4.630  1.00 0.00 ? 2 IG A C6     1 
HETATM 45  C C5     . IG A 1 2 ? -1.890 1.090   -5.866  1.00 0.00 ? 2 IG A C5     1 
HETATM 46  N N7     . IG A 1 2 ? -2.154 -0.164  -6.412  1.00 0.00 ? 2 IG A N7     1 
HETATM 47  C C8     . IG A 1 2 ? -1.614 -0.093  -7.599  1.00 0.00 ? 2 IG A C8     1 
HETATM 48  N N9     . IG A 1 2 ? -1.033 1.118   -7.890  1.00 0.00 ? 2 IG A N9     1 
HETATM 49  C C4     . IG A 1 2 ? -1.195 1.871   -6.753  1.00 0.00 ? 2 IG A C4     1 
HETATM 50  N N3     . IG A 1 2 ? -0.774 3.146   -6.520  1.00 0.00 ? 2 IG A N3     1 
HETATM 51  C C2     . IG A 1 2 ? -1.038 3.736   -5.317  1.00 0.00 ? 2 IG A C2     1 
HETATM 52  N N1     . IG A 1 2 ? -1.766 2.999   -4.395  1.00 0.00 ? 2 IG A N1     1 
HETATM 53  H "H1'"  . IG A 1 2 ? -0.704 2.616   -9.323  1.00 0.00 ? 2 IG A "H1'"  1 
HETATM 54  H "H2'"  . IG A 1 2 ? 1.472  1.596   -8.036  1.00 0.00 ? 2 IG A "H2'"  1 
HETATM 55  H "H3'"  . IG A 1 2 ? 1.255  -0.638  -8.899  1.00 0.00 ? 2 IG A "H3'"  1 
HETATM 56  H "H4'"  . IG A 1 2 ? 0.701  0.587   -11.610 1.00 0.00 ? 2 IG A "H4'"  1 
HETATM 57  H "H5'"  . IG A 1 2 ? -0.855 -1.310  -11.867 1.00 0.00 ? 2 IG A "H5'"  1 
HETATM 58  H "H5''" . IG A 1 2 ? 0.818  -1.845  -11.624 1.00 0.00 ? 2 IG A "H5''" 1 
HETATM 59  H "HO2'" . IG A 1 2 ? 2.540  2.253   -10.130 1.00 0.00 ? 2 IG A "HO2'" 1 
HETATM 60  H H61    . IG A 1 2 ? -3.140 0.167   -3.733  1.00 0.00 ? 2 IG A H61    1 
HETATM 61  H H62    . IG A 1 2 ? -3.065 1.634   -2.779  1.00 0.00 ? 2 IG A H62    1 
HETATM 62  H H8     . IG A 1 2 ? -1.654 -0.907  -8.304  1.00 0.00 ? 2 IG A H8     1 
HETATM 63  H H1     . IG A 1 2 ? -1.979 3.430   -3.508  1.00 0.00 ? 2 IG A H1     1 
ATOM   64  P P      . C  A 1 3 ? 3.989  -0.414  -9.312  1.00 0.00 ? 3 C  A P      1 
ATOM   65  O OP1    . C  A 1 3 ? 5.199  -0.296  -10.155 1.00 0.00 ? 3 C  A OP1    1 
ATOM   66  O OP2    . C  A 1 3 ? 3.636  -1.713  -8.701  1.00 0.00 ? 3 C  A OP2    1 
ATOM   67  O "O5'"  . C  A 1 3 ? 4.075  0.683   -8.133  1.00 0.00 ? 3 C  A "O5'"  1 
ATOM   68  C "C5'"  . C  A 1 3 ? 4.695  1.941   -8.316  1.00 0.00 ? 3 C  A "C5'"  1 
ATOM   69  C "C4'"  . C  A 1 3 ? 4.503  2.833   -7.084  1.00 0.00 ? 3 C  A "C4'"  1 
ATOM   70  O "O4'"  . C  A 1 3 ? 3.129  3.035   -6.772  1.00 0.00 ? 3 C  A "O4'"  1 
ATOM   71  C "C3'"  . C  A 1 3 ? 5.145  2.283   -5.810  1.00 0.00 ? 3 C  A "C3'"  1 
ATOM   72  O "O3'"  . C  A 1 3 ? 6.545  2.501   -5.752  1.00 0.00 ? 3 C  A "O3'"  1 
ATOM   73  C "C2'"  . C  A 1 3 ? 4.385  3.097   -4.765  1.00 0.00 ? 3 C  A "C2'"  1 
ATOM   74  O "O2'"  . C  A 1 3 ? 4.890  4.416   -4.663  1.00 0.00 ? 3 C  A "O2'"  1 
ATOM   75  C "C1'"  . C  A 1 3 ? 2.978  3.146   -5.359  1.00 0.00 ? 3 C  A "C1'"  1 
ATOM   76  N N1     . C  A 1 3 ? 2.128  2.064   -4.775  1.00 0.00 ? 3 C  A N1     1 
ATOM   77  C C2     . C  A 1 3 ? 1.476  2.321   -3.562  1.00 0.00 ? 3 C  A C2     1 
ATOM   78  O O2     . C  A 1 3 ? 1.584  3.404   -2.988  1.00 0.00 ? 3 C  A O2     1 
ATOM   79  N N3     . C  A 1 3 ? 0.710  1.349   -2.998  1.00 0.00 ? 3 C  A N3     1 
ATOM   80  C C4     . C  A 1 3 ? 0.610  0.148   -3.567  1.00 0.00 ? 3 C  A C4     1 
ATOM   81  N N4     . C  A 1 3 ? -0.168 -0.747  -2.973  1.00 0.00 ? 3 C  A N4     1 
ATOM   82  C C5     . C  A 1 3 ? 1.284  -0.163  -4.791  1.00 0.00 ? 3 C  A C5     1 
ATOM   83  C C6     . C  A 1 3 ? 2.032  0.817   -5.354  1.00 0.00 ? 3 C  A C6     1 
ATOM   84  H "H5'"  . C  A 1 3 ? 4.264  2.440   -9.184  1.00 0.00 ? 3 C  A "H5'"  1 
ATOM   85  H "H5''" . C  A 1 3 ? 5.762  1.796   -8.491  1.00 0.00 ? 3 C  A "H5''" 1 
ATOM   86  H "H4'"  . C  A 1 3 ? 4.950  3.807   -7.292  1.00 0.00 ? 3 C  A "H4'"  1 
ATOM   87  H "H3'"  . C  A 1 3 ? 4.903  1.224   -5.709  1.00 0.00 ? 3 C  A "H3'"  1 
ATOM   88  H "H2'"  . C  A 1 3 ? 4.403  2.616   -3.790  1.00 0.00 ? 3 C  A "H2'"  1 
ATOM   89  H "HO2'" . C  A 1 3 ? 5.846  4.347   -4.592  1.00 0.00 ? 3 C  A "HO2'" 1 
ATOM   90  H "H1'"  . C  A 1 3 ? 2.526  4.113   -5.124  1.00 0.00 ? 3 C  A "H1'"  1 
ATOM   91  H H41    . C  A 1 3 ? -0.633 -0.476  -2.114  1.00 0.00 ? 3 C  A H41    1 
ATOM   92  H H42    . C  A 1 3 ? -0.257 -1.674  -3.353  1.00 0.00 ? 3 C  A H42    1 
ATOM   93  H H5     . C  A 1 3 ? 1.223  -1.129  -5.270  1.00 0.00 ? 3 C  A H5     1 
ATOM   94  H H6     . C  A 1 3 ? 2.556  0.607   -6.272  1.00 0.00 ? 3 C  A H6     1 
ATOM   95  P P      . G  A 1 4 ? 7.501  1.622   -4.790  1.00 0.00 ? 4 G  A P      1 
ATOM   96  O OP1    . G  A 1 4 ? 8.899  2.030   -5.051  1.00 0.00 ? 4 G  A OP1    1 
ATOM   97  O OP2    . G  A 1 4 ? 7.110  0.204   -4.923  1.00 0.00 ? 4 G  A OP2    1 
ATOM   98  O "O5'"  . G  A 1 4 ? 7.096  2.111   -3.308  1.00 0.00 ? 4 G  A "O5'"  1 
ATOM   99  C "C5'"  . G  A 1 4 ? 7.585  3.325   -2.770  1.00 0.00 ? 4 G  A "C5'"  1 
ATOM   100 C "C4'"  . G  A 1 4 ? 6.956  3.619   -1.405  1.00 0.00 ? 4 G  A "C4'"  1 
ATOM   101 O "O4'"  . G  A 1 4 ? 5.535  3.637   -1.478  1.00 0.00 ? 4 G  A "O4'"  1 
ATOM   102 C "C3'"  . G  A 1 4 ? 7.331  2.615   -0.314  1.00 0.00 ? 4 G  A "C3'"  1 
ATOM   103 O "O3'"  . G  A 1 4 ? 8.589  2.893   0.286   1.00 0.00 ? 4 G  A "O3'"  1 
ATOM   104 C "C2'"  . G  A 1 4 ? 6.179  2.846   0.660   1.00 0.00 ? 4 G  A "C2'"  1 
ATOM   105 O "O2'"  . G  A 1 4 ? 6.385  4.010   1.441   1.00 0.00 ? 4 G  A "O2'"  1 
ATOM   106 C "C1'"  . G  A 1 4 ? 5.003  3.091   -0.278  1.00 0.00 ? 4 G  A "C1'"  1 
ATOM   107 N N9     . G  A 1 4 ? 4.256  1.835   -0.527  1.00 0.00 ? 4 G  A N9     1 
ATOM   108 C C8     . G  A 1 4 ? 4.302  0.981   -1.601  1.00 0.00 ? 4 G  A C8     1 
ATOM   109 N N7     . G  A 1 4 ? 3.434  0.008   -1.545  1.00 0.00 ? 4 G  A N7     1 
ATOM   110 C C5     . G  A 1 4 ? 2.795  0.194   -0.319  1.00 0.00 ? 4 G  A C5     1 
ATOM   111 C C6     . G  A 1 4 ? 1.751  -0.552  0.323   1.00 0.00 ? 4 G  A C6     1 
ATOM   112 O O6     . G  A 1 4 ? 1.119  -1.522  -0.092  1.00 0.00 ? 4 G  A O6     1 
ATOM   113 N N1     . G  A 1 4 ? 1.452  -0.071  1.593   1.00 0.00 ? 4 G  A N1     1 
ATOM   114 C C2     . G  A 1 4 ? 2.061  1.015   2.172   1.00 0.00 ? 4 G  A C2     1 
ATOM   115 N N2     . G  A 1 4 ? 1.691  1.330   3.407   1.00 0.00 ? 4 G  A N2     1 
ATOM   116 N N3     . G  A 1 4 ? 3.006  1.748   1.571   1.00 0.00 ? 4 G  A N3     1 
ATOM   117 C C4     . G  A 1 4 ? 3.332  1.287   0.328   1.00 0.00 ? 4 G  A C4     1 
ATOM   118 H "H5'"  . G  A 1 4 ? 7.340  4.139   -3.450  1.00 0.00 ? 4 G  A "H5'"  1 
ATOM   119 H "H5''" . G  A 1 4 ? 8.668  3.267   -2.663  1.00 0.00 ? 4 G  A "H5''" 1 
ATOM   120 H "H4'"  . G  A 1 4 ? 7.290  4.605   -1.078  1.00 0.00 ? 4 G  A "H4'"  1 
ATOM   121 H "H3'"  . G  A 1 4 ? 7.290  1.601   -0.715  1.00 0.00 ? 4 G  A "H3'"  1 
ATOM   122 H "H2'"  . G  A 1 4 ? 6.017  1.982   1.302   1.00 0.00 ? 4 G  A "H2'"  1 
ATOM   123 H "HO2'" . G  A 1 4 ? 7.303  3.990   1.730   1.00 0.00 ? 4 G  A "HO2'" 1 
ATOM   124 H "H1'"  . G  A 1 4 ? 4.323  3.807   0.185   1.00 0.00 ? 4 G  A "H1'"  1 
ATOM   125 H H8     . G  A 1 4 ? 4.983  1.114   -2.428  1.00 0.00 ? 4 G  A H8     1 
ATOM   126 H H1     . G  A 1 4 ? 0.738  -0.565  2.110   1.00 0.00 ? 4 G  A H1     1 
ATOM   127 H H21    . G  A 1 4 ? 1.015  0.754   3.903   1.00 0.00 ? 4 G  A H21    1 
ATOM   128 H H22    . G  A 1 4 ? 2.098  2.147   3.829   1.00 0.00 ? 4 G  A H22    1 
HETATM 129 P P      . IC A 1 5 ? 9.417  1.767   1.099   1.00 0.00 ? 5 IC A P      1 
HETATM 130 O OP1    . IC A 1 5 ? 10.685 2.381   1.553   1.00 0.00 ? 5 IC A OP1    1 
HETATM 131 O OP2    . IC A 1 5 ? 9.444  0.539   0.280   1.00 0.00 ? 5 IC A OP2    1 
HETATM 132 O "O5'"  . IC A 1 5 ? 8.504  1.474   2.398   1.00 0.00 ? 5 IC A "O5'"  1 
HETATM 133 O "O3'"  . IC A 1 5 ? 8.497  0.658   6.332   1.00 0.00 ? 5 IC A "O3'"  1 
HETATM 134 C "C1'"  . IC A 1 5 ? 5.374  0.788   4.479   1.00 0.00 ? 5 IC A "C1'"  1 
HETATM 135 C "C2'"  . IC A 1 5 ? 6.210  0.252   5.636   1.00 0.00 ? 5 IC A "C2'"  1 
HETATM 136 C "C3'"  . IC A 1 5 ? 7.636  0.579   5.206   1.00 0.00 ? 5 IC A "C3'"  1 
HETATM 137 C "C4'"  . IC A 1 5 ? 7.404  1.923   4.515   1.00 0.00 ? 5 IC A "C4'"  1 
HETATM 138 C "C5'"  . IC A 1 5 ? 8.508  2.324   3.528   1.00 0.00 ? 5 IC A "C5'"  1 
HETATM 139 O "O4'"  . IC A 1 5 ? 6.139  1.822   3.870   1.00 0.00 ? 5 IC A "O4'"  1 
HETATM 140 O "O2'"  . IC A 1 5 ? 5.836  0.953   6.808   1.00 0.00 ? 5 IC A "O2'"  1 
HETATM 141 N N2     . IC A 1 5 ? 3.311  -1.117  5.044   1.00 0.00 ? 5 IC A N2     1 
HETATM 142 C C4     . IC A 1 5 ? 4.135  -2.374  1.831   1.00 0.00 ? 5 IC A C4     1 
HETATM 143 N N3     . IC A 1 5 ? 3.542  -2.137  3.036   1.00 0.00 ? 5 IC A N3     1 
HETATM 144 C C2     . IC A 1 5 ? 3.953  -1.180  3.873   1.00 0.00 ? 5 IC A C2     1 
HETATM 145 O O4     . IC A 1 5 ? 3.703  -3.244  1.085   1.00 0.00 ? 5 IC A O4     1 
HETATM 146 N N1     . IC A 1 5 ? 5.006  -0.322  3.553   1.00 0.00 ? 5 IC A N1     1 
HETATM 147 C C6     . IC A 1 5 ? 5.686  -0.551  2.382   1.00 0.00 ? 5 IC A C6     1 
HETATM 148 C C5     . IC A 1 5 ? 5.274  -1.527  1.539   1.00 0.00 ? 5 IC A C5     1 
HETATM 149 H "H1'"  . IC A 1 5 ? 4.459  1.232   4.874   1.00 0.00 ? 5 IC A "H1'"  1 
HETATM 150 H "H2'"  . IC A 1 5 ? 6.080  -0.819  5.778   1.00 0.00 ? 5 IC A "H2'"  1 
HETATM 151 H "H3'"  . IC A 1 5 ? 7.989  -0.153  4.477   1.00 0.00 ? 5 IC A "H3'"  1 
HETATM 152 H "H4'"  . IC A 1 5 ? 7.334  2.689   5.287   1.00 0.00 ? 5 IC A "H4'"  1 
HETATM 153 H "H5'"  . IC A 1 5 ? 8.336  3.352   3.210   1.00 0.00 ? 5 IC A "H5'"  1 
HETATM 154 H "H5''" . IC A 1 5 ? 9.477  2.270   4.026   1.00 0.00 ? 5 IC A "H5''" 1 
HETATM 155 H "HO2'" . IC A 1 5 ? 6.614  0.982   7.373   1.00 0.00 ? 5 IC A "HO2'" 1 
HETATM 156 H H21    . IC A 1 5 ? 3.595  -0.466  5.758   1.00 0.00 ? 5 IC A H21    1 
HETATM 157 H H22    . IC A 1 5 ? 2.566  -1.782  5.231   1.00 0.00 ? 5 IC A H22    1 
HETATM 158 H H6     . IC A 1 5 ? 6.547  0.043   2.121   1.00 0.00 ? 5 IC A H6     1 
HETATM 159 H H5     . IC A 1 5 ? 5.806  -1.691  0.614   1.00 0.00 ? 5 IC A H5     1 
ATOM   160 P P      . G  A 1 6 ? 9.250  -0.649  6.915   1.00 0.00 ? 6 G  A P      1 
ATOM   161 O OP1    . G  A 1 6 ? 9.979  -0.244  8.136   1.00 0.00 ? 6 G  A OP1    1 
ATOM   162 O OP2    . G  A 1 6 ? 9.978  -1.291  5.802   1.00 0.00 ? 6 G  A OP2    1 
ATOM   163 O "O5'"  . G  A 1 6 ? 8.050  -1.638  7.348   1.00 0.00 ? 6 G  A "O5'"  1 
ATOM   164 C "C5'"  . G  A 1 6 ? 7.366  -1.499  8.581   1.00 0.00 ? 6 G  A "C5'"  1 
ATOM   165 C "C4'"  . G  A 1 6 ? 6.217  -2.510  8.675   1.00 0.00 ? 6 G  A "C4'"  1 
ATOM   166 O "O4'"  . G  A 1 6 ? 5.308  -2.376  7.592   1.00 0.00 ? 6 G  A "O4'"  1 
ATOM   167 C "C3'"  . G  A 1 6 ? 6.677  -3.968  8.662   1.00 0.00 ? 6 G  A "C3'"  1 
ATOM   168 O "O3'"  . G  A 1 6 ? 7.108  -4.435  9.923   1.00 0.00 ? 6 G  A "O3'"  1 
ATOM   169 C "C2'"  . G  A 1 6 ? 5.389  -4.670  8.236   1.00 0.00 ? 6 G  A "C2'"  1 
ATOM   170 O "O2'"  . G  A 1 6 ? 4.492  -4.841  9.324   1.00 0.00 ? 6 G  A "O2'"  1 
ATOM   171 C "C1'"  . G  A 1 6 ? 4.802  -3.660  7.246   1.00 0.00 ? 6 G  A "C1'"  1 
ATOM   172 N N9     . G  A 1 6 ? 5.183  -4.031  5.861   1.00 0.00 ? 6 G  A N9     1 
ATOM   173 C C8     . G  A 1 6 ? 6.210  -3.569  5.074   1.00 0.00 ? 6 G  A C8     1 
ATOM   174 N N7     . G  A 1 6 ? 6.255  -4.107  3.888   1.00 0.00 ? 6 G  A N7     1 
ATOM   175 C C5     . G  A 1 6 ? 5.199  -5.019  3.888   1.00 0.00 ? 6 G  A C5     1 
ATOM   176 C C6     . G  A 1 6 ? 4.732  -5.923  2.876   1.00 0.00 ? 6 G  A C6     1 
ATOM   177 O O6     . G  A 1 6 ? 5.133  -6.084  1.724   1.00 0.00 ? 6 G  A O6     1 
ATOM   178 N N1     . G  A 1 6 ? 3.675  -6.711  3.309   1.00 0.00 ? 6 G  A N1     1 
ATOM   179 C C2     . G  A 1 6 ? 3.103  -6.630  4.554   1.00 0.00 ? 6 G  A C2     1 
ATOM   180 N N2     . G  A 1 6 ? 2.074  -7.435  4.792   1.00 0.00 ? 6 G  A N2     1 
ATOM   181 N N3     . G  A 1 6 ? 3.517  -5.784  5.507   1.00 0.00 ? 6 G  A N3     1 
ATOM   182 C C4     . G  A 1 6 ? 4.562  -5.000  5.110   1.00 0.00 ? 6 G  A C4     1 
ATOM   183 H "H5'"  . G  A 1 6 ? 6.963  -0.492  8.670   1.00 0.00 ? 6 G  A "H5'"  1 
ATOM   184 H "H5''" . G  A 1 6 ? 8.063  -1.670  9.403   1.00 0.00 ? 6 G  A "H5''" 1 
ATOM   185 H "H4'"  . G  A 1 6 ? 5.670  -2.331  9.602   1.00 0.00 ? 6 G  A "H4'"  1 
ATOM   186 H "H3'"  . G  A 1 6 ? 7.451  -4.115  7.906   1.00 0.00 ? 6 G  A "H3'"  1 
ATOM   187 H "HO3'" . G  A 1 6 ? 6.308  -4.675  10.405  1.00 0.00 ? 6 G  A "HO3'" 1 
ATOM   188 H "H2'"  . G  A 1 6 ? 5.601  -5.632  7.766   1.00 0.00 ? 6 G  A "H2'"  1 
ATOM   189 H "HO2'" . G  A 1 6 ? 3.679  -5.236  8.995   1.00 0.00 ? 6 G  A "HO2'" 1 
ATOM   190 H "H1'"  . G  A 1 6 ? 3.713  -3.659  7.309   1.00 0.00 ? 6 G  A "H1'"  1 
ATOM   191 H H8     . G  A 1 6 ? 6.917  -2.819  5.400   1.00 0.00 ? 6 G  A H8     1 
ATOM   192 H H1     . G  A 1 6 ? 3.275  -7.345  2.633   1.00 0.00 ? 6 G  A H1     1 
ATOM   193 H H21    . G  A 1 6 ? 1.765  -8.104  4.093   1.00 0.00 ? 6 G  A H21    1 
ATOM   194 H H22    . G  A 1 6 ? 1.606  -7.348  5.678   1.00 0.00 ? 6 G  A H22    1 
ATOM   195 O "O5'"  . C  B 1 1 ? -4.124 -9.114  -1.036  1.00 0.00 ? 1 C  B "O5'"  1 
ATOM   196 C "C5'"  . C  B 1 1 ? -3.954 -10.491 -0.754  1.00 0.00 ? 1 C  B "C5'"  1 
ATOM   197 C "C4'"  . C  B 1 1 ? -2.993 -10.744 0.412   1.00 0.00 ? 1 C  B "C4'"  1 
ATOM   198 O "O4'"  . C  B 1 1 ? -1.640 -10.624 0.018   1.00 0.00 ? 1 C  B "O4'"  1 
ATOM   199 C "C3'"  . C  B 1 1 ? -3.143 -9.798  1.603   1.00 0.00 ? 1 C  B "C3'"  1 
ATOM   200 O "O3'"  . C  B 1 1 ? -4.276 -10.104 2.396   1.00 0.00 ? 1 C  B "O3'"  1 
ATOM   201 C "C2'"  . C  B 1 1 ? -1.832 -10.057 2.330   1.00 0.00 ? 1 C  B "C2'"  1 
ATOM   202 O "O2'"  . C  B 1 1 ? -1.905 -11.248 3.094   1.00 0.00 ? 1 C  B "O2'"  1 
ATOM   203 C "C1'"  . C  B 1 1 ? -0.868 -10.255 1.156   1.00 0.00 ? 1 C  B "C1'"  1 
ATOM   204 N N1     . C  B 1 1 ? -0.027 -9.054  0.863   1.00 0.00 ? 1 C  B N1     1 
ATOM   205 C C2     . C  B 1 1 ? 1.099  -8.826  1.664   1.00 0.00 ? 1 C  B C2     1 
ATOM   206 O O2     . C  B 1 1 ? 1.271  -9.428  2.724   1.00 0.00 ? 1 C  B O2     1 
ATOM   207 N N3     . C  B 1 1 ? 2.024  -7.913  1.267   1.00 0.00 ? 1 C  B N3     1 
ATOM   208 C C4     . C  B 1 1 ? 1.844  -7.192  0.161   1.00 0.00 ? 1 C  B C4     1 
ATOM   209 N N4     . C  B 1 1 ? 2.792  -6.324  -0.170  1.00 0.00 ? 1 C  B N4     1 
ATOM   210 C C5     . C  B 1 1 ? 0.653  -7.321  -0.628  1.00 0.00 ? 1 C  B C5     1 
ATOM   211 C C6     . C  B 1 1 ? -0.251 -8.258  -0.242  1.00 0.00 ? 1 C  B C6     1 
ATOM   212 H "H5'"  . C  B 1 1 ? -3.585 -11.004 -1.643  1.00 0.00 ? 1 C  B "H5'"  1 
ATOM   213 H "H5''" . C  B 1 1 ? -4.921 -10.910 -0.485  1.00 0.00 ? 1 C  B "H5''" 1 
ATOM   214 H "H4'"  . C  B 1 1 ? -3.148 -11.766 0.764   1.00 0.00 ? 1 C  B "H4'"  1 
ATOM   215 H "H3'"  . C  B 1 1 ? -3.144 -8.759  1.271   1.00 0.00 ? 1 C  B "H3'"  1 
ATOM   216 H "H2'"  . C  B 1 1 ? -1.544 -9.221  2.966   1.00 0.00 ? 1 C  B "H2'"  1 
ATOM   217 H "HO2'" . C  B 1 1 ? -2.754 -11.238 3.547   1.00 0.00 ? 1 C  B "HO2'" 1 
ATOM   218 H "H1'"  . C  B 1 1 ? -0.215 -11.085 1.412   1.00 0.00 ? 1 C  B "H1'"  1 
ATOM   219 H H41    . C  B 1 1 ? 3.603  -6.231  0.435   1.00 0.00 ? 1 C  B H41    1 
ATOM   220 H H42    . C  B 1 1 ? 2.695  -5.736  -0.980  1.00 0.00 ? 1 C  B H42    1 
ATOM   221 H H5     . C  B 1 1 ? 0.463  -6.724  -1.507  1.00 0.00 ? 1 C  B H5     1 
ATOM   222 H H6     . C  B 1 1 ? -1.151 -8.392  -0.828  1.00 0.00 ? 1 C  B H6     1 
ATOM   223 H "HO5'" . C  B 1 1 ? -4.676 -8.734  -0.326  1.00 0.00 ? 1 C  B "HO5'" 1 
HETATM 224 P P      . IG B 1 2 ? -5.590 -9.173  2.373   1.00 0.00 ? 2 IG B P      1 
HETATM 225 O OP1    . IG B 1 2 ? -6.750 -10.002 2.766   1.00 0.00 ? 2 IG B OP1    1 
HETATM 226 O OP2    . IG B 1 2 ? -5.609 -8.421  1.098   1.00 0.00 ? 2 IG B OP2    1 
HETATM 227 O "O5'"  . IG B 1 2 ? -5.229 -8.163  3.574   1.00 0.00 ? 2 IG B "O5'"  1 
HETATM 228 O "O3'"  . IG B 1 2 ? -5.867 -5.759  6.526   1.00 0.00 ? 2 IG B "O3'"  1 
HETATM 229 C "C1'"  . IG B 1 2 ? -2.439 -6.742  5.827   1.00 0.00 ? 2 IG B "C1'"  1 
HETATM 230 C "C2'"  . IG B 1 2 ? -3.434 -5.709  6.348   1.00 0.00 ? 2 IG B "C2'"  1 
HETATM 231 C "C3'"  . IG B 1 2 ? -4.756 -6.206  5.766   1.00 0.00 ? 2 IG B "C3'"  1 
HETATM 232 C "C4'"  . IG B 1 2 ? -4.540 -7.716  5.870   1.00 0.00 ? 2 IG B "C4'"  1 
HETATM 233 C "C5'"  . IG B 1 2 ? -5.407 -8.551  4.925   1.00 0.00 ? 2 IG B "C5'"  1 
HETATM 234 O "O4'"  . IG B 1 2 ? -3.158 -7.953  5.628   1.00 0.00 ? 2 IG B "O4'"  1 
HETATM 235 O "O2'"  . IG B 1 2 ? -3.445 -5.767  7.763   1.00 0.00 ? 2 IG B "O2'"  1 
HETATM 236 N N6     . IG B 1 2 ? 1.097  -4.308  1.567   1.00 0.00 ? 2 IG B N6     1 
HETATM 237 O O2     . IG B 1 2 ? 1.506  -3.245  5.974   1.00 0.00 ? 2 IG B O2     1 
HETATM 238 C C6     . IG B 1 2 ? 0.634  -4.516  2.799   1.00 0.00 ? 2 IG B C6     1 
HETATM 239 C C5     . IG B 1 2 ? -0.457 -5.355  3.113   1.00 0.00 ? 2 IG B C5     1 
HETATM 240 N N7     . IG B 1 2 ? -1.317 -6.157  2.366   1.00 0.00 ? 2 IG B N7     1 
HETATM 241 C C8     . IG B 1 2 ? -2.107 -6.672  3.268   1.00 0.00 ? 2 IG B C8     1 
HETATM 242 N N9     . IG B 1 2 ? -1.821 -6.296  4.559   1.00 0.00 ? 2 IG B N9     1 
HETATM 243 C C4     . IG B 1 2 ? -0.769 -5.421  4.448   1.00 0.00 ? 2 IG B C4     1 
HETATM 244 N N3     . IG B 1 2 ? -0.129 -4.741  5.441   1.00 0.00 ? 2 IG B N3     1 
HETATM 245 C C2     . IG B 1 2 ? 0.912  -3.913  5.135   1.00 0.00 ? 2 IG B C2     1 
HETATM 246 N N1     . IG B 1 2 ? 1.289  -3.838  3.802   1.00 0.00 ? 2 IG B N1     1 
HETATM 247 H "H1'"  . IG B 1 2 ? -1.652 -6.885  6.569   1.00 0.00 ? 2 IG B "H1'"  1 
HETATM 248 H "H2'"  . IG B 1 2 ? -3.198 -4.703  6.005   1.00 0.00 ? 2 IG B "H2'"  1 
HETATM 249 H "H3'"  . IG B 1 2 ? -4.838 -5.913  4.718   1.00 0.00 ? 2 IG B "H3'"  1 
HETATM 250 H "H4'"  . IG B 1 2 ? -4.756 -8.017  6.896   1.00 0.00 ? 2 IG B "H4'"  1 
HETATM 251 H "H5'"  . IG B 1 2 ? -5.130 -9.599  5.046   1.00 0.00 ? 2 IG B "H5'"  1 
HETATM 252 H "H5''" . IG B 1 2 ? -6.457 -8.433  5.194   1.00 0.00 ? 2 IG B "H5''" 1 
HETATM 253 H "HO2'" . IG B 1 2 ? -4.305 -5.441  8.047   1.00 0.00 ? 2 IG B "HO2'" 1 
HETATM 254 H H61    . IG B 1 2 ? 0.639  -4.755  0.788   1.00 0.00 ? 2 IG B H61    1 
HETATM 255 H H62    . IG B 1 2 ? 1.918  -3.729  1.404   1.00 0.00 ? 2 IG B H62    1 
HETATM 256 H H8     . IG B 1 2 ? -2.899 -7.364  3.022   1.00 0.00 ? 2 IG B H8     1 
HETATM 257 H H1     . IG B 1 2 ? 2.067  -3.238  3.565   1.00 0.00 ? 2 IG B H1     1 
ATOM   258 P P      . C  B 1 3 ? -6.637 -4.385  6.178   1.00 0.00 ? 3 C  B P      1 
ATOM   259 O OP1    . C  B 1 3 ? -7.709 -4.203  7.180   1.00 0.00 ? 3 C  B OP1    1 
ATOM   260 O OP2    . C  B 1 3 ? -6.970 -4.404  4.737   1.00 0.00 ? 3 C  B OP2    1 
ATOM   261 O "O5'"  . C  B 1 3 ? -5.519 -3.248  6.413   1.00 0.00 ? 3 C  B "O5'"  1 
ATOM   262 C "C5'"  . C  B 1 3 ? -5.180 -2.776  7.704   1.00 0.00 ? 3 C  B "C5'"  1 
ATOM   263 C "C4'"  . C  B 1 3 ? -3.978 -1.827  7.639   1.00 0.00 ? 3 C  B "C4'"  1 
ATOM   264 O "O4'"  . C  B 1 3 ? -2.839 -2.449  7.056   1.00 0.00 ? 3 C  B "O4'"  1 
ATOM   265 C "C3'"  . C  B 1 3 ? -4.218 -0.559  6.820   1.00 0.00 ? 3 C  B "C3'"  1 
ATOM   266 O "O3'"  . C  B 1 3 ? -4.972 0.420   7.518   1.00 0.00 ? 3 C  B "O3'"  1 
ATOM   267 C "C2'"  . C  B 1 3 ? -2.771 -0.129  6.588   1.00 0.00 ? 3 C  B "C2'"  1 
ATOM   268 O "O2'"  . C  B 1 3 ? -2.218 0.479   7.741   1.00 0.00 ? 3 C  B "O2'"  1 
ATOM   269 C "C1'"  . C  B 1 3 ? -2.077 -1.471  6.352   1.00 0.00 ? 3 C  B "C1'"  1 
ATOM   270 N N1     . C  B 1 3 ? -1.986 -1.759  4.888   1.00 0.00 ? 3 C  B N1     1 
ATOM   271 C C2     . C  B 1 3 ? -0.901 -1.228  4.177   1.00 0.00 ? 3 C  B C2     1 
ATOM   272 O O2     . C  B 1 3 ? -0.047 -0.533  4.727   1.00 0.00 ? 3 C  B O2     1 
ATOM   273 N N3     . C  B 1 3 ? -0.792 -1.479  2.844   1.00 0.00 ? 3 C  B N3     1 
ATOM   274 C C4     . C  B 1 3 ? -1.723 -2.188  2.207   1.00 0.00 ? 3 C  B C4     1 
ATOM   275 N N4     . C  B 1 3 ? -1.547 -2.409  0.912   1.00 0.00 ? 3 C  B N4     1 
ATOM   276 C C5     . C  B 1 3 ? -2.860 -2.725  2.892   1.00 0.00 ? 3 C  B C5     1 
ATOM   277 C C6     . C  B 1 3 ? -2.951 -2.485  4.224   1.00 0.00 ? 3 C  B C6     1 
ATOM   278 H "H5'"  . C  B 1 3 ? -4.933 -3.617  8.350   1.00 0.00 ? 3 C  B "H5'"  1 
ATOM   279 H "H5''" . C  B 1 3 ? -6.034 -2.246  8.130   1.00 0.00 ? 3 C  B "H5''" 1 
ATOM   280 H "H4'"  . C  B 1 3 ? -3.720 -1.529  8.656   1.00 0.00 ? 3 C  B "H4'"  1 
ATOM   281 H "H3'"  . C  B 1 3 ? -4.689 -0.822  5.871   1.00 0.00 ? 3 C  B "H3'"  1 
ATOM   282 H "H2'"  . C  B 1 3 ? -2.680 0.537   5.733   1.00 0.00 ? 3 C  B "H2'"  1 
ATOM   283 H "HO2'" . C  B 1 3 ? -2.861 1.123   8.054   1.00 0.00 ? 3 C  B "HO2'" 1 
ATOM   284 H "H1'"  . C  B 1 3 ? -1.068 -1.433  6.769   1.00 0.00 ? 3 C  B "H1'"  1 
ATOM   285 H H41    . C  B 1 3 ? -0.721 -2.021  0.471   1.00 0.00 ? 3 C  B H41    1 
ATOM   286 H H42    . C  B 1 3 ? -2.235 -2.919  0.387   1.00 0.00 ? 3 C  B H42    1 
ATOM   287 H H5     . C  B 1 3 ? -3.630 -3.300  2.402   1.00 0.00 ? 3 C  B H5     1 
ATOM   288 H H6     . C  B 1 3 ? -3.801 -2.873  4.762   1.00 0.00 ? 3 C  B H6     1 
ATOM   289 P P      . G  B 1 4 ? -5.763 1.595   6.740   1.00 0.00 ? 4 G  B P      1 
ATOM   290 O OP1    . G  B 1 4 ? -6.513 2.375   7.749   1.00 0.00 ? 4 G  B OP1    1 
ATOM   291 O OP2    . G  B 1 4 ? -6.476 0.990   5.596   1.00 0.00 ? 4 G  B OP2    1 
ATOM   292 O "O5'"  . G  B 1 4 ? -4.585 2.526   6.154   1.00 0.00 ? 4 G  B "O5'"  1 
ATOM   293 C "C5'"  . G  B 1 4 ? -3.878 3.434   6.977   1.00 0.00 ? 4 G  B "C5'"  1 
ATOM   294 C "C4'"  . G  B 1 4 ? -2.726 4.088   6.211   1.00 0.00 ? 4 G  B "C4'"  1 
ATOM   295 O "O4'"  . G  B 1 4 ? -1.847 3.107   5.672   1.00 0.00 ? 4 G  B "O4'"  1 
ATOM   296 C "C3'"  . G  B 1 4 ? -3.164 4.970   5.041   1.00 0.00 ? 4 G  B "C3'"  1 
ATOM   297 O "O3'"  . G  B 1 4 ? -3.557 6.274   5.448   1.00 0.00 ? 4 G  B "O3'"  1 
ATOM   298 C "C2'"  . G  B 1 4 ? -1.867 4.992   4.237   1.00 0.00 ? 4 G  B "C2'"  1 
ATOM   299 O "O2'"  . G  B 1 4 ? -0.930 5.896   4.793   1.00 0.00 ? 4 G  B "O2'"  1 
ATOM   300 C "C1'"  . G  B 1 4 ? -1.344 3.571   4.426   1.00 0.00 ? 4 G  B "C1'"  1 
ATOM   301 N N9     . G  B 1 4 ? -1.779 2.695   3.312   1.00 0.00 ? 4 G  B N9     1 
ATOM   302 C C8     . G  B 1 4 ? -2.788 1.765   3.267   1.00 0.00 ? 4 G  B C8     1 
ATOM   303 N N7     . G  B 1 4 ? -2.831 1.079   2.157   1.00 0.00 ? 4 G  B N7     1 
ATOM   304 C C5     . G  B 1 4 ? -1.803 1.618   1.386   1.00 0.00 ? 4 G  B C5     1 
ATOM   305 C C6     . G  B 1 4 ? -1.344 1.292   0.065   1.00 0.00 ? 4 G  B C6     1 
ATOM   306 O O6     . G  B 1 4 ? -1.725 0.400   -0.693  1.00 0.00 ? 4 G  B O6     1 
ATOM   307 N N1     . G  B 1 4 ? -0.325 2.131   -0.372  1.00 0.00 ? 4 G  B N1     1 
ATOM   308 C C2     . G  B 1 4 ? 0.212  3.150   0.378   1.00 0.00 ? 4 G  B C2     1 
ATOM   309 N N2     . G  B 1 4 ? 1.156  3.886   -0.192  1.00 0.00 ? 4 G  B N2     1 
ATOM   310 N N3     . G  B 1 4 ? -0.172 3.441   1.626   1.00 0.00 ? 4 G  B N3     1 
ATOM   311 C C4     . G  B 1 4 ? -1.186 2.641   2.073   1.00 0.00 ? 4 G  B C4     1 
ATOM   312 H "H5'"  . G  B 1 4 ? -3.470 2.900   7.833   1.00 0.00 ? 4 G  B "H5'"  1 
ATOM   313 H "H5''" . G  B 1 4 ? -4.559 4.209   7.334   1.00 0.00 ? 4 G  B "H5''" 1 
ATOM   314 H "H4'"  . G  B 1 4 ? -2.158 4.708   6.905   1.00 0.00 ? 4 G  B "H4'"  1 
ATOM   315 H "H3'"  . G  B 1 4 ? -3.953 4.469   4.476   1.00 0.00 ? 4 G  B "H3'"  1 
ATOM   316 H "H2'"  . G  B 1 4 ? -2.046 5.224   3.190   1.00 0.00 ? 4 G  B "H2'"  1 
ATOM   317 H "HO2'" . G  B 1 4 ? -1.414 6.698   5.011   1.00 0.00 ? 4 G  B "HO2'" 1 
ATOM   318 H "H1'"  . G  B 1 4 ? -0.255 3.590   4.446   1.00 0.00 ? 4 G  B "H1'"  1 
ATOM   319 H H8     . G  B 1 4 ? -3.475 1.603   4.084   1.00 0.00 ? 4 G  B H8     1 
ATOM   320 H H1     . G  B 1 4 ? 0.029  1.968   -1.304  1.00 0.00 ? 4 G  B H1     1 
ATOM   321 H H21    . G  B 1 4 ? 1.424  3.718   -1.159  1.00 0.00 ? 4 G  B H21    1 
ATOM   322 H H22    . G  B 1 4 ? 1.592  4.607   0.357   1.00 0.00 ? 4 G  B H22    1 
HETATM 323 P P      . IC B 1 5 ? -4.490 7.217   4.524   1.00 0.00 ? 5 IC B P      1 
HETATM 324 O OP1    . IC B 1 5 ? -4.727 8.476   5.262   1.00 0.00 ? 5 IC B OP1    1 
HETATM 325 O OP2    . IC B 1 5 ? -5.638 6.408   4.060   1.00 0.00 ? 5 IC B OP2    1 
HETATM 326 O "O5'"  . IC B 1 5 ? -3.572 7.549   3.240   1.00 0.00 ? 5 IC B "O5'"  1 
HETATM 327 O "O3'"  . IC B 1 5 ? -2.532 10.295  0.533   1.00 0.00 ? 5 IC B "O3'"  1 
HETATM 328 C "C1'"  . IC B 1 5 ? -1.142 6.940   0.348   1.00 0.00 ? 5 IC B "C1'"  1 
HETATM 329 C "C2'"  . IC B 1 5 ? -1.558 8.244   -0.323  1.00 0.00 ? 5 IC B "C2'"  1 
HETATM 330 C "C3'"  . IC B 1 5 ? -2.456 8.891   0.727   1.00 0.00 ? 5 IC B "C3'"  1 
HETATM 331 C "C4'"  . IC B 1 5 ? -1.709 8.478   1.996   1.00 0.00 ? 5 IC B "C4'"  1 
HETATM 332 C "C5'"  . IC B 1 5 ? -2.548 8.527   3.278   1.00 0.00 ? 5 IC B "C5'"  1 
HETATM 333 O "O4'"  . IC B 1 5 ? -1.230 7.160   1.750   1.00 0.00 ? 5 IC B "O4'"  1 
HETATM 334 O "O2'"  . IC B 1 5 ? -0.390 9.007   -0.560  1.00 0.00 ? 5 IC B "O2'"  1 
HETATM 335 N N2     . IC B 1 5 ? -0.821 5.699   -2.213  1.00 0.00 ? 5 IC B N2     1 
HETATM 336 C C4     . IC B 1 5 ? -3.462 3.611   -1.096  1.00 0.00 ? 5 IC B C4     1 
HETATM 337 N N3     . IC B 1 5 ? -2.443 4.171   -1.807  1.00 0.00 ? 5 IC B N3     1 
HETATM 338 C C2     . IC B 1 5 ? -1.750 5.230   -1.376  1.00 0.00 ? 5 IC B C2     1 
HETATM 339 O O4     . IC B 1 5 ? -4.048 2.623   -1.521  1.00 0.00 ? 5 IC B O4     1 
HETATM 340 N N1     . IC B 1 5 ? -2.003 5.821   -0.135  1.00 0.00 ? 5 IC B N1     1 
HETATM 341 C C6     . IC B 1 5 ? -3.056 5.339   0.602   1.00 0.00 ? 5 IC B C6     1 
HETATM 342 C C5     . IC B 1 5 ? -3.763 4.273   0.159   1.00 0.00 ? 5 IC B C5     1 
HETATM 343 H "H1'"  . IC B 1 5 ? -0.103 6.720   0.100   1.00 0.00 ? 5 IC B "H1'"  1 
HETATM 344 H "H2'"  . IC B 1 5 ? -2.100 8.078   -1.252  1.00 0.00 ? 5 IC B "H2'"  1 
HETATM 345 H "H3'"  . IC B 1 5 ? -3.446 8.429   0.716   1.00 0.00 ? 5 IC B "H3'"  1 
HETATM 346 H "H4'"  . IC B 1 5 ? -0.852 9.141   2.115   1.00 0.00 ? 5 IC B "H4'"  1 
HETATM 347 H "H5'"  . IC B 1 5 ? -1.897 8.340   4.131   1.00 0.00 ? 5 IC B "H5'"  1 
HETATM 348 H "H5''" . IC B 1 5 ? -2.991 9.518   3.385   1.00 0.00 ? 5 IC B "H5''" 1 
HETATM 349 H "HO2'" . IC B 1 5 ? -0.650 9.934   -0.523  1.00 0.00 ? 5 IC B "HO2'" 1 
HETATM 350 H H21    . IC B 1 5 ? -0.294 6.529   -1.994  1.00 0.00 ? 5 IC B H21    1 
HETATM 351 H H22    . IC B 1 5 ? -0.694 5.243   -3.111  1.00 0.00 ? 5 IC B H22    1 
HETATM 352 H H6     . IC B 1 5 ? -3.330 5.800   1.537   1.00 0.00 ? 5 IC B H6     1 
HETATM 353 H H5     . IC B 1 5 ? -4.582 3.892   0.751   1.00 0.00 ? 5 IC B H5     1 
ATOM   354 P P      . G  B 1 6 ? -3.643 10.957  -0.438  1.00 0.00 ? 6 G  B P      1 
ATOM   355 O OP1    . G  B 1 6 ? -3.383 12.412  -0.495  1.00 0.00 ? 6 G  B OP1    1 
ATOM   356 O OP2    . G  B 1 6 ? -4.970 10.462  -0.017  1.00 0.00 ? 6 G  B OP2    1 
ATOM   357 O "O5'"  . G  B 1 6 ? -3.331 10.332  -1.895  1.00 0.00 ? 6 G  B "O5'"  1 
ATOM   358 C "C5'"  . G  B 1 6 ? -2.292 10.827  -2.720  1.00 0.00 ? 6 G  B "C5'"  1 
ATOM   359 C "C4'"  . G  B 1 6 ? -2.155 9.973   -3.986  1.00 0.00 ? 6 G  B "C4'"  1 
ATOM   360 O "O4'"  . G  B 1 6 ? -1.909 8.607   -3.676  1.00 0.00 ? 6 G  B "O4'"  1 
ATOM   361 C "C3'"  . G  B 1 6 ? -3.394 9.986   -4.883  1.00 0.00 ? 6 G  B "C3'"  1 
ATOM   362 O "O3'"  . G  B 1 6 ? -3.462 11.112  -5.733  1.00 0.00 ? 6 G  B "O3'"  1 
ATOM   363 C "C2'"  . G  B 1 6 ? -3.174 8.710   -5.691  1.00 0.00 ? 6 G  B "C2'"  1 
ATOM   364 O "O2'"  . G  B 1 6 ? -2.245 8.905   -6.749  1.00 0.00 ? 6 G  B "O2'"  1 
ATOM   365 C "C1'"  . G  B 1 6 ? -2.560 7.784   -4.638  1.00 0.00 ? 6 G  B "C1'"  1 
ATOM   366 N N9     . G  B 1 6 ? -3.621 6.958   -4.012  1.00 0.00 ? 6 G  B N9     1 
ATOM   367 C C8     . G  B 1 6 ? -4.287 7.129   -2.824  1.00 0.00 ? 6 G  B C8     1 
ATOM   368 N N7     . G  B 1 6 ? -5.156 6.192   -2.560  1.00 0.00 ? 6 G  B N7     1 
ATOM   369 C C5     . G  B 1 6 ? -5.081 5.340   -3.661  1.00 0.00 ? 6 G  B C5     1 
ATOM   370 C C6     . G  B 1 6 ? -5.785 4.126   -3.962  1.00 0.00 ? 6 G  B C6     1 
ATOM   371 O O6     . G  B 1 6 ? -6.615 3.514   -3.292  1.00 0.00 ? 6 G  B O6     1 
ATOM   372 N N1     . G  B 1 6 ? -5.445 3.605   -5.204  1.00 0.00 ? 6 G  B N1     1 
ATOM   373 C C2     . G  B 1 6 ? -4.517 4.156   -6.050  1.00 0.00 ? 6 G  B C2     1 
ATOM   374 N N2     . G  B 1 6 ? -4.280 3.502   -7.182  1.00 0.00 ? 6 G  B N2     1 
ATOM   375 N N3     . G  B 1 6 ? -3.842 5.283   -5.781  1.00 0.00 ? 6 G  B N3     1 
ATOM   376 C C4     . G  B 1 6 ? -4.163 5.823   -4.569  1.00 0.00 ? 6 G  B C4     1 
ATOM   377 H "H5'"  . G  B 1 6 ? -1.349 10.812  -2.177  1.00 0.00 ? 6 G  B "H5'"  1 
ATOM   378 H "H5''" . G  B 1 6 ? -2.514 11.856  -3.005  1.00 0.00 ? 6 G  B "H5''" 1 
ATOM   379 H "H4'"  . G  B 1 6 ? -1.308 10.344  -4.566  1.00 0.00 ? 6 G  B "H4'"  1 
ATOM   380 H "H3'"  . G  B 1 6 ? -4.299 9.897   -4.280  1.00 0.00 ? 6 G  B "H3'"  1 
ATOM   381 H "HO3'" . G  B 1 6 ? -2.894 10.912  -6.484  1.00 0.00 ? 6 G  B "HO3'" 1 
ATOM   382 H "H2'"  . G  B 1 6 ? -4.117 8.322   -6.083  1.00 0.00 ? 6 G  B "H2'"  1 
ATOM   383 H "HO2'" . G  B 1 6 ? -2.093 8.062   -7.186  1.00 0.00 ? 6 G  B "HO2'" 1 
ATOM   384 H "H1'"  . G  B 1 6 ? -1.836 7.112   -5.103  1.00 0.00 ? 6 G  B "H1'"  1 
ATOM   385 H H8     . G  B 1 6 ? -4.112 7.961   -2.158  1.00 0.00 ? 6 G  B H8     1 
ATOM   386 H H1     . G  B 1 6 ? -5.873 2.727   -5.459  1.00 0.00 ? 6 G  B H1     1 
ATOM   387 H H21    . G  B 1 6 ? -4.799 2.662   -7.415  1.00 0.00 ? 6 G  B H21    1 
ATOM   388 H H22    . G  B 1 6 ? -3.563 3.861   -7.790  1.00 0.00 ? 6 G  B H22    1 
# 
